data_4JGH
#
_entry.id   4JGH
#
_cell.length_a   138.849
_cell.length_b   141.456
_cell.length_c   182.001
_cell.angle_alpha   90.00
_cell.angle_beta   90.00
_cell.angle_gamma   90.00
#
_symmetry.space_group_name_H-M   'C 2 2 21'
#
loop_
_entity.id
_entity.type
_entity.pdbx_description
1 polymer 'Suppressor of cytokine signaling 2'
2 polymer 'Transcription elongation factor B polypeptide 2'
3 polymer 'Transcription elongation factor B polypeptide 1'
4 polymer Cullin-5
#
loop_
_entity_poly.entity_id
_entity_poly.type
_entity_poly.pdbx_seq_one_letter_code
_entity_poly.pdbx_strand_id
1 'polypeptide(L)'
;HMDPEFQAARLAKALRELGQTGWYWGSMTVNEAKEKLKEAPEGTFLIRDSSHSDYLLTISVKTSAGPTNLRIEYQDGKFR
LDSIICVKSKLKQFDSVVHLIDYYVQMCKDKRTGPEAPRNGTVHLYLTKPLYTSAPSLQHLCRLTINKCTGAIWGLPLPT
RLKDYLEEYKFQV
;
A
2 'polypeptide(L)'
;MDVFLMIRRHKTTIFTDAKESSTVFELKRIVEGILKRPPEEQRLYKDDQLLDDGKTLGECGFTSQTARPQAPATVGLAFR
ADDTFEALRIEPFSSPPELPDVMKPQDSGGSANEQAVQ
;
B
3 'polypeptide(L)'
;MYVKLISSDGHEFIVKREHALTSGTIKAMLSGPGQFAENETNEVNFREIPSHVLSKVCMYFTYKVRYTNSSTEIPEFPIA
PEIPLELLMAANFLDC
;
C
4 'polypeptide(L)'
;KGSLQFEDKWDFMRPIVLKLLRQESVTKQQWFDLFSDVHAVCLWDDKGPAKIHQALKEDILEFIKQAQARVLSHQDDTAL
LKAYIVEWRKFFTQCDILPKPFCQLEITLMGKQGSNKKSNVEDSIVRKLMLDTWNESIFSNIKNRLQDSAMKLVHAERLG
EAFDSQLVIGVRESYVNLCSNPEDKLQIYRDNFEKAYLDSTERFYRTQAPSYLQQNGVQNYMKYADAKLKEEEKRALRYL
ETRRECNSVEALMECCVNALVTSFKETILAECQGMIKRNETEKLHLMFSLMDKVPNGIEPMLKDLEEHIISAGLADMVAA
AETITTDSEKYREQLDTLFNRFSKLVKEAFQDDPRFLTARDKAYKAVVNDATIFKLEV
;
D
#
# COMPACT_ATOMS: atom_id res chain seq x y z
N HIS A 1 -9.87 35.68 -29.36
CA HIS A 1 -9.43 34.40 -28.76
C HIS A 1 -8.35 33.70 -29.61
N MET A 2 -8.55 33.66 -30.92
CA MET A 2 -7.59 33.04 -31.83
C MET A 2 -6.19 33.58 -31.58
N ASP A 3 -5.32 32.74 -31.04
CA ASP A 3 -3.95 33.13 -30.74
C ASP A 3 -3.09 31.87 -30.64
N PRO A 4 -1.81 31.95 -31.01
CA PRO A 4 -0.95 30.77 -30.94
C PRO A 4 -0.81 30.20 -29.52
N GLU A 5 -0.53 31.06 -28.56
CA GLU A 5 -0.35 30.64 -27.17
C GLU A 5 -1.66 30.43 -26.41
N PHE A 6 -2.72 31.14 -26.83
CA PHE A 6 -4.01 31.00 -26.18
C PHE A 6 -4.68 29.69 -26.58
N GLN A 7 -4.45 29.28 -27.83
CA GLN A 7 -5.02 28.05 -28.33
C GLN A 7 -4.33 26.84 -27.71
N ALA A 8 -3.04 26.99 -27.43
CA ALA A 8 -2.26 25.91 -26.82
C ALA A 8 -2.70 25.71 -25.38
N ALA A 9 -3.20 26.78 -24.76
CA ALA A 9 -3.66 26.71 -23.38
C ALA A 9 -5.02 26.04 -23.35
N ARG A 10 -5.97 26.61 -24.09
CA ARG A 10 -7.32 26.08 -24.18
C ARG A 10 -7.29 24.58 -24.46
N LEU A 11 -6.37 24.17 -25.33
CA LEU A 11 -6.23 22.77 -25.70
C LEU A 11 -5.72 21.98 -24.49
N ALA A 12 -4.49 22.29 -24.07
CA ALA A 12 -3.87 21.62 -22.95
C ALA A 12 -4.84 21.46 -21.77
N LYS A 13 -5.74 22.42 -21.62
CA LYS A 13 -6.73 22.37 -20.54
C LYS A 13 -7.86 21.40 -20.88
N ALA A 14 -8.54 21.66 -21.99
CA ALA A 14 -9.64 20.80 -22.42
C ALA A 14 -9.20 19.36 -22.59
N LEU A 15 -7.90 19.15 -22.80
CA LEU A 15 -7.33 17.82 -22.96
C LEU A 15 -6.99 17.27 -21.58
N ARG A 16 -6.97 18.15 -20.58
CA ARG A 16 -6.67 17.76 -19.22
C ARG A 16 -7.92 17.20 -18.58
N GLU A 17 -9.03 17.93 -18.69
CA GLU A 17 -10.29 17.48 -18.11
C GLU A 17 -10.83 16.26 -18.85
N LEU A 18 -10.30 16.00 -20.04
CA LEU A 18 -10.74 14.84 -20.82
C LEU A 18 -10.32 13.58 -20.09
N GLY A 19 -9.12 13.60 -19.51
CA GLY A 19 -8.63 12.44 -18.78
C GLY A 19 -9.23 12.41 -17.40
N GLN A 20 -10.22 13.27 -17.17
CA GLN A 20 -10.89 13.36 -15.88
C GLN A 20 -12.34 12.87 -16.01
N THR A 21 -12.65 12.25 -17.15
CA THR A 21 -13.99 11.75 -17.42
C THR A 21 -14.02 10.23 -17.33
N GLY A 22 -12.97 9.60 -17.84
CA GLY A 22 -12.91 8.15 -17.81
C GLY A 22 -13.15 7.52 -19.16
N TRP A 23 -13.45 8.32 -20.18
CA TRP A 23 -13.68 7.77 -21.52
C TRP A 23 -12.41 7.79 -22.35
N TYR A 24 -11.34 8.38 -21.83
CA TYR A 24 -10.08 8.43 -22.56
C TYR A 24 -9.40 7.07 -22.44
N TRP A 25 -9.21 6.39 -23.57
CA TRP A 25 -8.60 5.07 -23.55
C TRP A 25 -7.16 5.00 -24.03
N GLY A 26 -6.41 6.08 -23.84
CA GLY A 26 -5.02 6.12 -24.25
C GLY A 26 -4.73 5.62 -25.65
N SER A 27 -3.62 4.90 -25.79
CA SER A 27 -3.21 4.37 -27.08
C SER A 27 -3.82 3.02 -27.40
N MET A 28 -5.14 2.99 -27.50
CA MET A 28 -5.89 1.78 -27.82
C MET A 28 -5.85 1.58 -29.33
N THR A 29 -5.40 0.41 -29.78
CA THR A 29 -5.31 0.14 -31.22
C THR A 29 -6.70 0.13 -31.85
N VAL A 30 -6.74 0.15 -33.18
CA VAL A 30 -8.02 0.15 -33.88
C VAL A 30 -8.77 -1.18 -33.74
N ASN A 31 -8.05 -2.29 -33.80
CA ASN A 31 -8.66 -3.61 -33.67
C ASN A 31 -9.30 -3.71 -32.30
N GLU A 32 -8.58 -3.27 -31.28
CA GLU A 32 -9.07 -3.29 -29.90
C GLU A 32 -10.32 -2.43 -29.77
N ALA A 33 -10.35 -1.31 -30.48
CA ALA A 33 -11.50 -0.42 -30.43
C ALA A 33 -12.67 -1.13 -31.09
N LYS A 34 -12.36 -1.97 -32.07
CA LYS A 34 -13.36 -2.73 -32.80
C LYS A 34 -13.90 -3.82 -31.87
N GLU A 35 -13.01 -4.47 -31.13
CA GLU A 35 -13.40 -5.53 -30.21
C GLU A 35 -14.38 -5.00 -29.16
N LYS A 36 -14.01 -3.90 -28.51
CA LYS A 36 -14.86 -3.30 -27.49
C LYS A 36 -16.23 -2.89 -27.99
N LEU A 37 -16.28 -2.24 -29.15
CA LEU A 37 -17.54 -1.76 -29.71
C LEU A 37 -18.28 -2.71 -30.66
N LYS A 38 -17.56 -3.66 -31.24
CA LYS A 38 -18.15 -4.63 -32.17
C LYS A 38 -19.58 -5.06 -31.86
N GLU A 39 -19.81 -5.46 -30.61
CA GLU A 39 -21.13 -5.93 -30.20
C GLU A 39 -21.95 -4.90 -29.43
N ALA A 40 -21.36 -3.74 -29.15
CA ALA A 40 -22.05 -2.69 -28.41
C ALA A 40 -23.25 -2.16 -29.19
N PRO A 41 -24.16 -1.46 -28.50
CA PRO A 41 -25.35 -0.89 -29.12
C PRO A 41 -25.03 0.41 -29.86
N GLU A 42 -25.82 0.74 -30.87
CA GLU A 42 -25.59 1.96 -31.64
C GLU A 42 -25.49 3.19 -30.73
N GLY A 43 -24.38 3.92 -30.83
CA GLY A 43 -24.20 5.10 -30.01
C GLY A 43 -23.12 4.96 -28.95
N THR A 44 -22.69 3.73 -28.72
CA THR A 44 -21.65 3.46 -27.73
C THR A 44 -20.31 3.88 -28.32
N PHE A 45 -19.65 4.84 -27.68
CA PHE A 45 -18.38 5.35 -28.16
C PHE A 45 -17.31 5.41 -27.08
N LEU A 46 -16.15 5.93 -27.46
CA LEU A 46 -15.02 6.10 -26.56
C LEU A 46 -13.99 6.97 -27.28
N ILE A 47 -13.08 7.58 -26.53
CA ILE A 47 -12.06 8.44 -27.12
C ILE A 47 -10.67 7.88 -26.91
N ARG A 48 -9.83 7.96 -27.94
CA ARG A 48 -8.47 7.45 -27.83
C ARG A 48 -7.50 8.20 -28.73
N ASP A 49 -6.22 7.93 -28.55
CA ASP A 49 -5.18 8.59 -29.32
C ASP A 49 -5.20 8.25 -30.80
N SER A 50 -4.94 9.28 -31.60
CA SER A 50 -4.91 9.14 -33.04
C SER A 50 -3.46 8.96 -33.47
N SER A 51 -3.21 7.98 -34.33
CA SER A 51 -1.85 7.75 -34.80
C SER A 51 -1.52 8.74 -35.92
N HIS A 52 -2.05 9.96 -35.78
CA HIS A 52 -1.85 11.02 -36.77
C HIS A 52 -1.34 12.30 -36.09
N SER A 53 -0.60 13.10 -36.85
CA SER A 53 -0.01 14.33 -36.32
C SER A 53 -0.86 15.61 -36.32
N ASP A 54 -1.82 15.72 -37.22
CA ASP A 54 -2.66 16.92 -37.29
C ASP A 54 -3.72 17.05 -36.21
N TYR A 55 -4.22 15.93 -35.69
CA TYR A 55 -5.22 15.97 -34.62
C TYR A 55 -4.76 15.04 -33.51
N LEU A 56 -5.26 15.25 -32.30
CA LEU A 56 -4.85 14.44 -31.16
C LEU A 56 -5.80 13.32 -30.73
N LEU A 57 -7.10 13.56 -30.83
CA LEU A 57 -8.07 12.56 -30.39
C LEU A 57 -8.95 11.98 -31.50
N THR A 58 -9.30 10.71 -31.33
CA THR A 58 -10.15 9.97 -32.26
C THR A 58 -11.37 9.45 -31.51
N ILE A 59 -12.53 9.47 -32.17
CA ILE A 59 -13.73 8.96 -31.52
C ILE A 59 -14.14 7.64 -32.14
N SER A 60 -14.12 6.58 -31.35
CA SER A 60 -14.52 5.27 -31.82
C SER A 60 -15.96 5.10 -31.37
N VAL A 61 -16.86 4.92 -32.33
CA VAL A 61 -18.28 4.78 -32.03
C VAL A 61 -18.89 3.63 -32.82
N LYS A 62 -19.98 3.07 -32.30
CA LYS A 62 -20.69 1.97 -32.95
C LYS A 62 -21.82 2.54 -33.79
N THR A 63 -21.84 2.16 -35.07
CA THR A 63 -22.87 2.64 -35.99
C THR A 63 -23.60 1.52 -36.72
N SER A 64 -24.51 1.92 -37.60
CA SER A 64 -25.29 0.99 -38.40
C SER A 64 -24.36 -0.01 -39.10
N ALA A 65 -23.26 0.51 -39.65
CA ALA A 65 -22.29 -0.32 -40.35
C ALA A 65 -21.23 -0.89 -39.42
N GLY A 66 -21.49 -0.82 -38.11
CA GLY A 66 -20.55 -1.34 -37.15
C GLY A 66 -19.68 -0.27 -36.53
N PRO A 67 -18.57 -0.64 -35.89
CA PRO A 67 -17.66 0.33 -35.25
C PRO A 67 -16.91 1.17 -36.29
N THR A 68 -16.82 2.47 -36.02
CA THR A 68 -16.12 3.39 -36.90
C THR A 68 -15.19 4.31 -36.12
N ASN A 69 -14.27 4.94 -36.83
CA ASN A 69 -13.30 5.85 -36.23
C ASN A 69 -13.35 7.19 -36.95
N LEU A 70 -13.31 8.27 -36.20
CA LEU A 70 -13.35 9.61 -36.79
C LEU A 70 -12.81 10.70 -35.87
N ARG A 71 -12.04 11.60 -36.47
CA ARG A 71 -11.39 12.71 -35.78
C ARG A 71 -12.21 13.60 -34.86
N ILE A 72 -11.48 14.44 -34.14
CA ILE A 72 -11.99 15.45 -33.23
C ILE A 72 -11.02 16.59 -33.53
N GLU A 73 -11.35 17.41 -34.53
CA GLU A 73 -10.49 18.50 -34.97
C GLU A 73 -10.52 19.76 -34.12
N TYR A 74 -9.39 20.46 -34.12
CA TYR A 74 -9.22 21.69 -33.36
C TYR A 74 -8.60 22.78 -34.22
N GLN A 75 -9.35 23.87 -34.40
CA GLN A 75 -8.90 25.00 -35.20
C GLN A 75 -9.55 26.29 -34.71
N ASP A 76 -8.83 27.40 -34.84
CA ASP A 76 -9.33 28.71 -34.43
C ASP A 76 -9.84 28.70 -32.98
N GLY A 77 -9.24 27.86 -32.14
CA GLY A 77 -9.63 27.78 -30.75
C GLY A 77 -10.95 27.11 -30.45
N LYS A 78 -11.42 26.27 -31.37
CA LYS A 78 -12.68 25.56 -31.17
C LYS A 78 -12.57 24.09 -31.56
N PHE A 79 -13.32 23.25 -30.86
CA PHE A 79 -13.35 21.82 -31.14
C PHE A 79 -14.60 21.48 -31.93
N ARG A 80 -14.42 20.79 -33.04
CA ARG A 80 -15.54 20.40 -33.90
C ARG A 80 -15.40 18.94 -34.24
N LEU A 81 -16.49 18.30 -34.65
CA LEU A 81 -16.44 16.91 -35.04
C LEU A 81 -15.67 16.83 -36.36
N ASP A 82 -15.54 15.62 -36.90
CA ASP A 82 -14.83 15.42 -38.16
C ASP A 82 -15.52 16.19 -39.27
N SER A 83 -14.75 16.62 -40.26
CA SER A 83 -15.29 17.36 -41.40
C SER A 83 -16.22 16.47 -42.22
N ILE A 84 -15.75 15.26 -42.52
CA ILE A 84 -16.49 14.26 -43.29
C ILE A 84 -17.93 14.08 -42.86
N ILE A 85 -18.17 14.10 -41.55
CA ILE A 85 -19.50 13.92 -41.02
C ILE A 85 -20.43 15.08 -41.34
N CYS A 86 -21.54 14.77 -42.01
CA CYS A 86 -22.52 15.80 -42.35
C CYS A 86 -23.26 16.08 -41.04
N VAL A 87 -22.99 17.25 -40.45
CA VAL A 87 -23.62 17.62 -39.19
C VAL A 87 -24.70 18.68 -39.32
N LYS A 88 -25.85 18.43 -38.71
CA LYS A 88 -26.97 19.36 -38.72
C LYS A 88 -27.31 19.71 -37.28
N SER A 89 -26.64 20.70 -36.72
CA SER A 89 -26.90 21.11 -35.34
C SER A 89 -26.77 22.61 -35.15
N LYS A 90 -27.44 23.13 -34.13
CA LYS A 90 -27.39 24.56 -33.84
C LYS A 90 -25.98 24.96 -33.41
N LEU A 91 -25.21 23.99 -32.91
CA LEU A 91 -23.86 24.26 -32.45
C LEU A 91 -22.88 23.22 -33.01
N LYS A 92 -21.78 23.67 -33.60
CA LYS A 92 -20.78 22.77 -34.15
C LYS A 92 -19.39 23.01 -33.60
N GLN A 93 -19.21 24.09 -32.86
CA GLN A 93 -17.91 24.42 -32.28
C GLN A 93 -17.99 24.62 -30.77
N PHE A 94 -17.13 23.94 -30.03
CA PHE A 94 -17.12 24.05 -28.57
C PHE A 94 -15.71 24.36 -28.08
N ASP A 95 -15.60 24.75 -26.82
CA ASP A 95 -14.30 25.08 -26.22
C ASP A 95 -13.60 23.86 -25.64
N SER A 96 -14.36 23.02 -24.94
CA SER A 96 -13.80 21.82 -24.35
C SER A 96 -14.23 20.60 -25.14
N VAL A 97 -13.30 19.66 -25.31
CA VAL A 97 -13.60 18.43 -26.04
C VAL A 97 -14.69 17.69 -25.28
N VAL A 98 -14.74 17.89 -23.97
CA VAL A 98 -15.73 17.25 -23.12
C VAL A 98 -17.07 17.96 -23.28
N HIS A 99 -17.02 19.27 -23.52
CA HIS A 99 -18.26 20.03 -23.71
C HIS A 99 -18.90 19.58 -25.00
N LEU A 100 -18.07 19.26 -25.99
CA LEU A 100 -18.54 18.80 -27.28
C LEU A 100 -19.30 17.49 -27.09
N ILE A 101 -18.59 16.47 -26.64
CA ILE A 101 -19.17 15.16 -26.42
C ILE A 101 -20.48 15.21 -25.65
N ASP A 102 -20.57 16.08 -24.64
CA ASP A 102 -21.79 16.18 -23.86
C ASP A 102 -22.97 16.68 -24.70
N TYR A 103 -22.78 17.84 -25.33
CA TYR A 103 -23.83 18.42 -26.15
C TYR A 103 -24.44 17.38 -27.08
N TYR A 104 -23.60 16.76 -27.91
CA TYR A 104 -24.07 15.75 -28.84
C TYR A 104 -24.74 14.56 -28.17
N VAL A 105 -24.19 14.10 -27.05
CA VAL A 105 -24.78 12.98 -26.34
C VAL A 105 -26.18 13.32 -25.87
N GLN A 106 -26.42 14.58 -25.54
CA GLN A 106 -27.74 14.99 -25.10
C GLN A 106 -28.70 14.99 -26.29
N MET A 107 -28.27 15.61 -27.38
CA MET A 107 -29.09 15.68 -28.59
C MET A 107 -29.30 14.28 -29.17
N CYS A 108 -28.24 13.70 -29.70
CA CYS A 108 -28.26 12.38 -30.31
C CYS A 108 -29.00 11.31 -29.51
N LYS A 109 -28.71 11.21 -28.22
CA LYS A 109 -29.34 10.22 -27.36
C LYS A 109 -30.84 10.43 -27.19
N ASP A 110 -31.25 11.69 -27.07
CA ASP A 110 -32.65 12.04 -26.91
C ASP A 110 -33.40 11.94 -28.25
N GLY A 121 -28.08 10.33 -47.32
CA GLY A 121 -26.87 10.51 -46.54
C GLY A 121 -26.38 9.21 -45.90
N THR A 122 -26.84 8.08 -46.42
CA THR A 122 -26.47 6.76 -45.93
C THR A 122 -26.56 6.55 -44.40
N VAL A 123 -25.48 6.07 -43.79
CA VAL A 123 -25.42 5.77 -42.35
C VAL A 123 -25.65 6.90 -41.34
N HIS A 124 -26.37 6.56 -40.27
CA HIS A 124 -26.68 7.49 -39.17
C HIS A 124 -25.60 7.41 -38.10
N LEU A 125 -25.31 8.54 -37.45
CA LEU A 125 -24.28 8.58 -36.41
C LEU A 125 -24.78 9.16 -35.09
N TYR A 126 -24.71 8.37 -34.02
CA TYR A 126 -25.16 8.82 -32.71
C TYR A 126 -24.03 8.77 -31.68
N LEU A 127 -24.18 9.57 -30.64
CA LEU A 127 -23.23 9.61 -29.52
C LEU A 127 -24.12 9.47 -28.31
N THR A 128 -24.20 8.27 -27.74
CA THR A 128 -25.07 8.03 -26.61
C THR A 128 -24.43 7.55 -25.31
N LYS A 129 -23.81 6.37 -25.34
CA LYS A 129 -23.20 5.84 -24.13
C LYS A 129 -21.69 5.66 -24.28
N PRO A 130 -20.90 6.45 -23.52
CA PRO A 130 -19.44 6.37 -23.56
C PRO A 130 -18.96 5.18 -22.74
N LEU A 131 -17.91 4.51 -23.21
CA LEU A 131 -17.37 3.37 -22.48
C LEU A 131 -16.34 3.83 -21.45
N TYR A 132 -16.65 3.65 -20.18
CA TYR A 132 -15.74 4.06 -19.11
C TYR A 132 -14.59 3.08 -18.96
N THR A 133 -13.39 3.62 -18.82
CA THR A 133 -12.17 2.85 -18.68
C THR A 133 -12.11 2.04 -17.39
N SER A 134 -12.91 2.44 -16.41
CA SER A 134 -12.96 1.77 -15.12
C SER A 134 -14.13 2.30 -14.30
N ALA A 135 -14.65 1.48 -13.40
CA ALA A 135 -15.78 1.87 -12.57
C ALA A 135 -15.60 3.26 -11.95
N PRO A 136 -16.45 4.22 -12.34
CA PRO A 136 -16.37 5.58 -11.79
C PRO A 136 -16.64 5.54 -10.29
N SER A 137 -16.30 6.61 -9.58
CA SER A 137 -16.54 6.66 -8.14
C SER A 137 -18.03 6.86 -7.87
N LEU A 138 -18.53 6.25 -6.80
CA LEU A 138 -19.93 6.37 -6.47
C LEU A 138 -20.31 7.85 -6.40
N GLN A 139 -19.43 8.64 -5.80
CA GLN A 139 -19.67 10.07 -5.66
C GLN A 139 -19.88 10.74 -7.01
N HIS A 140 -19.09 10.33 -8.00
CA HIS A 140 -19.21 10.92 -9.33
C HIS A 140 -20.49 10.45 -10.03
N LEU A 141 -20.83 9.17 -9.88
CA LEU A 141 -22.03 8.65 -10.50
C LEU A 141 -23.23 9.42 -9.95
N CYS A 142 -23.19 9.75 -8.66
CA CYS A 142 -24.26 10.51 -8.04
C CYS A 142 -24.31 11.87 -8.69
N ARG A 143 -23.12 12.45 -8.90
CA ARG A 143 -22.99 13.75 -9.53
C ARG A 143 -23.62 13.70 -10.92
N LEU A 144 -23.15 12.77 -11.74
CA LEU A 144 -23.69 12.62 -13.08
C LEU A 144 -25.21 12.51 -13.01
N THR A 145 -25.69 11.74 -12.04
CA THR A 145 -27.12 11.53 -11.84
C THR A 145 -27.83 12.83 -11.51
N ILE A 146 -27.21 13.65 -10.66
CA ILE A 146 -27.81 14.92 -10.26
C ILE A 146 -27.79 15.95 -11.38
N ASN A 147 -26.71 15.96 -12.15
CA ASN A 147 -26.59 16.91 -13.26
C ASN A 147 -27.61 16.61 -14.36
N LYS A 148 -28.16 15.39 -14.35
CA LYS A 148 -29.16 15.00 -15.34
C LYS A 148 -30.51 15.50 -14.87
N CYS A 149 -30.69 15.54 -13.55
CA CYS A 149 -31.94 15.99 -12.95
C CYS A 149 -32.12 17.49 -13.05
N THR A 150 -31.07 18.24 -12.75
CA THR A 150 -31.15 19.69 -12.80
C THR A 150 -29.80 20.35 -13.03
N GLY A 151 -29.84 21.65 -13.29
CA GLY A 151 -28.62 22.41 -13.51
C GLY A 151 -28.49 23.47 -12.42
N ALA A 152 -29.48 23.53 -11.55
CA ALA A 152 -29.50 24.48 -10.45
C ALA A 152 -29.06 23.83 -9.14
N ILE A 153 -27.76 23.57 -9.05
CA ILE A 153 -27.17 22.92 -7.88
C ILE A 153 -27.51 23.55 -6.53
N TRP A 154 -27.02 24.76 -6.30
CA TRP A 154 -27.20 25.49 -5.05
C TRP A 154 -28.57 25.45 -4.39
N GLY A 155 -29.64 25.29 -5.17
CA GLY A 155 -30.96 25.26 -4.59
C GLY A 155 -31.25 23.94 -3.88
N LEU A 156 -30.22 23.09 -3.77
CA LEU A 156 -30.36 21.79 -3.13
C LEU A 156 -30.05 21.77 -1.63
N PRO A 157 -30.56 20.76 -0.91
CA PRO A 157 -30.37 20.57 0.53
C PRO A 157 -29.06 19.90 0.89
N LEU A 158 -28.00 20.22 0.15
CA LEU A 158 -26.69 19.62 0.40
C LEU A 158 -25.73 20.53 1.14
N PRO A 159 -24.69 19.93 1.72
CA PRO A 159 -23.69 20.71 2.45
C PRO A 159 -23.02 21.67 1.47
N THR A 160 -22.77 22.90 1.90
CA THR A 160 -22.14 23.90 1.03
C THR A 160 -20.90 23.36 0.32
N ARG A 161 -20.24 22.35 0.88
CA ARG A 161 -19.03 21.81 0.22
C ARG A 161 -19.35 20.82 -0.89
N LEU A 162 -20.34 19.99 -0.69
CA LEU A 162 -20.66 19.00 -1.70
C LEU A 162 -21.18 19.71 -2.93
N LYS A 163 -21.72 20.91 -2.72
CA LYS A 163 -22.26 21.71 -3.81
C LYS A 163 -21.06 22.11 -4.66
N ASP A 164 -19.92 22.24 -4.00
CA ASP A 164 -18.67 22.58 -4.67
C ASP A 164 -18.21 21.41 -5.51
N TYR A 165 -18.44 20.20 -5.02
CA TYR A 165 -18.05 18.99 -5.75
C TYR A 165 -18.89 18.85 -7.00
N LEU A 166 -20.16 19.24 -6.90
CA LEU A 166 -21.07 19.16 -8.04
C LEU A 166 -20.76 20.26 -9.04
N GLU A 167 -19.96 21.23 -8.61
CA GLU A 167 -19.56 22.35 -9.46
C GLU A 167 -18.32 22.06 -10.29
N GLU A 168 -17.52 21.11 -9.84
CA GLU A 168 -16.29 20.75 -10.54
C GLU A 168 -16.51 19.89 -11.79
N TYR A 169 -17.77 19.57 -12.07
CA TYR A 169 -18.14 18.77 -13.24
C TYR A 169 -19.63 18.98 -13.45
N LYS A 170 -19.98 19.62 -14.56
CA LYS A 170 -21.38 19.94 -14.86
C LYS A 170 -22.04 19.10 -15.95
N PHE A 171 -21.26 18.21 -16.57
CA PHE A 171 -21.77 17.37 -17.65
C PHE A 171 -22.58 16.15 -17.21
N GLN A 172 -23.46 15.68 -18.09
CA GLN A 172 -24.32 14.54 -17.79
C GLN A 172 -23.71 13.22 -18.19
N VAL A 173 -22.41 13.21 -18.43
CA VAL A 173 -21.75 11.98 -18.83
C VAL A 173 -20.23 12.12 -18.71
N MET B 1 -22.89 -15.39 -17.45
CA MET B 1 -22.65 -16.67 -16.73
C MET B 1 -22.85 -16.49 -15.23
N ASP B 2 -22.78 -15.25 -14.77
CA ASP B 2 -22.94 -14.95 -13.36
C ASP B 2 -24.24 -14.20 -13.05
N VAL B 3 -24.98 -14.71 -12.07
CA VAL B 3 -26.22 -14.08 -11.66
C VAL B 3 -25.95 -13.45 -10.29
N PHE B 4 -26.33 -12.20 -10.13
CA PHE B 4 -26.10 -11.50 -8.88
C PHE B 4 -27.37 -11.42 -8.03
N LEU B 5 -27.36 -12.21 -6.96
CA LEU B 5 -28.48 -12.33 -6.06
C LEU B 5 -28.46 -11.40 -4.87
N MET B 6 -29.57 -11.43 -4.15
CA MET B 6 -29.78 -10.63 -2.96
C MET B 6 -30.79 -11.44 -2.14
N ILE B 7 -30.27 -12.30 -1.26
CA ILE B 7 -31.09 -13.16 -0.41
C ILE B 7 -31.52 -12.39 0.83
N ARG B 8 -32.82 -12.44 1.15
CA ARG B 8 -33.33 -11.69 2.29
C ARG B 8 -34.23 -12.42 3.28
N ARG B 9 -34.24 -11.93 4.50
CA ARG B 9 -35.05 -12.50 5.58
C ARG B 9 -35.46 -11.38 6.54
N HIS B 10 -35.56 -11.67 7.82
CA HIS B 10 -35.95 -10.67 8.80
C HIS B 10 -34.83 -9.63 8.90
N LYS B 11 -34.98 -8.51 8.20
CA LYS B 11 -33.97 -7.46 8.23
C LYS B 11 -32.54 -7.96 7.98
N THR B 12 -32.41 -9.02 7.19
CA THR B 12 -31.11 -9.58 6.84
C THR B 12 -31.04 -9.69 5.33
N THR B 13 -29.98 -9.17 4.74
CA THR B 13 -29.81 -9.21 3.29
C THR B 13 -28.41 -9.70 2.96
N ILE B 14 -28.32 -10.68 2.08
CA ILE B 14 -27.02 -11.21 1.69
C ILE B 14 -26.77 -10.96 0.21
N PHE B 15 -25.74 -10.16 -0.08
CA PHE B 15 -25.37 -9.87 -1.46
C PHE B 15 -24.35 -10.90 -1.87
N THR B 16 -24.71 -11.75 -2.83
CA THR B 16 -23.78 -12.78 -3.29
C THR B 16 -24.07 -13.12 -4.74
N ASP B 17 -23.28 -14.05 -5.30
CA ASP B 17 -23.45 -14.44 -6.69
C ASP B 17 -23.17 -15.92 -6.93
N ALA B 18 -23.73 -16.43 -8.02
CA ALA B 18 -23.55 -17.83 -8.40
C ALA B 18 -23.67 -17.93 -9.92
N LYS B 19 -23.47 -19.14 -10.44
CA LYS B 19 -23.56 -19.36 -11.88
C LYS B 19 -25.00 -19.54 -12.29
N GLU B 20 -25.34 -19.03 -13.48
CA GLU B 20 -26.69 -19.16 -13.98
C GLU B 20 -27.05 -20.64 -14.09
N SER B 21 -26.02 -21.48 -14.12
CA SER B 21 -26.20 -22.92 -14.24
C SER B 21 -26.09 -23.70 -12.92
N SER B 22 -25.65 -23.03 -11.85
CA SER B 22 -25.56 -23.71 -10.56
C SER B 22 -27.01 -23.96 -10.13
N THR B 23 -27.22 -24.91 -9.21
CA THR B 23 -28.57 -25.23 -8.78
C THR B 23 -29.03 -24.50 -7.53
N VAL B 24 -30.33 -24.61 -7.26
CA VAL B 24 -30.96 -23.98 -6.10
C VAL B 24 -30.41 -24.58 -4.82
N PHE B 25 -30.02 -25.85 -4.87
CA PHE B 25 -29.48 -26.52 -3.71
C PHE B 25 -28.15 -25.91 -3.33
N GLU B 26 -27.29 -25.74 -4.32
CA GLU B 26 -25.96 -25.16 -4.11
C GLU B 26 -26.06 -23.76 -3.51
N LEU B 27 -27.10 -23.02 -3.89
CA LEU B 27 -27.31 -21.68 -3.35
C LEU B 27 -27.56 -21.79 -1.85
N LYS B 28 -28.27 -22.85 -1.46
CA LYS B 28 -28.57 -23.07 -0.05
C LYS B 28 -27.28 -23.42 0.72
N ARG B 29 -26.33 -24.02 0.02
CA ARG B 29 -25.06 -24.37 0.64
C ARG B 29 -24.25 -23.10 0.85
N ILE B 30 -24.50 -22.11 0.02
CA ILE B 30 -23.82 -20.83 0.14
C ILE B 30 -24.41 -20.15 1.38
N VAL B 31 -25.74 -20.20 1.48
CA VAL B 31 -26.44 -19.62 2.62
C VAL B 31 -26.01 -20.35 3.88
N GLU B 32 -25.71 -21.63 3.72
CA GLU B 32 -25.28 -22.46 4.85
C GLU B 32 -23.98 -21.95 5.44
N GLY B 33 -23.00 -21.70 4.58
CA GLY B 33 -21.72 -21.20 5.02
C GLY B 33 -21.74 -19.78 5.55
N ILE B 34 -22.82 -19.06 5.27
CA ILE B 34 -22.93 -17.68 5.73
C ILE B 34 -23.76 -17.54 7.00
N LEU B 35 -24.86 -18.27 7.08
CA LEU B 35 -25.73 -18.20 8.25
C LEU B 35 -25.77 -19.46 9.09
N LYS B 36 -24.75 -20.30 8.92
CA LYS B 36 -24.62 -21.56 9.67
C LYS B 36 -25.95 -22.32 9.84
N ARG B 37 -26.58 -22.66 8.72
CA ARG B 37 -27.84 -23.39 8.74
C ARG B 37 -27.87 -24.37 7.57
N PRO B 38 -28.27 -25.62 7.84
CA PRO B 38 -28.32 -26.66 6.80
C PRO B 38 -29.42 -26.40 5.76
N PRO B 39 -29.20 -26.88 4.52
CA PRO B 39 -30.14 -26.72 3.41
C PRO B 39 -31.54 -27.27 3.68
N GLU B 40 -31.64 -28.29 4.54
CA GLU B 40 -32.95 -28.88 4.85
C GLU B 40 -33.73 -28.07 5.88
N GLU B 41 -33.15 -26.95 6.32
CA GLU B 41 -33.81 -26.08 7.27
C GLU B 41 -34.07 -24.76 6.56
N GLN B 42 -33.88 -24.77 5.24
CA GLN B 42 -34.05 -23.58 4.42
C GLN B 42 -35.17 -23.69 3.40
N ARG B 43 -35.74 -22.53 3.06
CA ARG B 43 -36.78 -22.44 2.06
C ARG B 43 -36.49 -21.20 1.22
N LEU B 44 -36.21 -21.42 -0.07
CA LEU B 44 -35.92 -20.33 -0.98
C LEU B 44 -37.11 -19.99 -1.87
N TYR B 45 -37.54 -18.74 -1.80
CA TYR B 45 -38.66 -18.25 -2.59
C TYR B 45 -38.21 -17.25 -3.64
N LYS B 46 -39.02 -17.09 -4.69
CA LYS B 46 -38.75 -16.11 -5.73
C LYS B 46 -40.11 -15.68 -6.24
N ASP B 47 -40.45 -14.41 -6.02
CA ASP B 47 -41.74 -13.92 -6.45
C ASP B 47 -42.80 -14.78 -5.77
N ASP B 48 -42.55 -15.06 -4.50
CA ASP B 48 -43.43 -15.87 -3.65
C ASP B 48 -43.77 -17.22 -4.26
N GLN B 49 -42.73 -18.01 -4.50
CA GLN B 49 -42.87 -19.35 -5.08
C GLN B 49 -41.68 -20.19 -4.63
N LEU B 50 -41.95 -21.31 -3.99
CA LEU B 50 -40.86 -22.16 -3.51
C LEU B 50 -40.00 -22.68 -4.67
N LEU B 51 -38.69 -22.52 -4.54
CA LEU B 51 -37.76 -22.96 -5.58
C LEU B 51 -37.32 -24.41 -5.42
N ASP B 52 -37.34 -25.14 -6.52
CA ASP B 52 -36.95 -26.54 -6.55
C ASP B 52 -35.44 -26.73 -6.42
N ASP B 53 -35.04 -27.60 -5.50
CA ASP B 53 -33.62 -27.88 -5.24
C ASP B 53 -32.84 -28.35 -6.47
N GLY B 54 -33.53 -28.92 -7.44
CA GLY B 54 -32.86 -29.43 -8.62
C GLY B 54 -32.74 -28.49 -9.80
N LYS B 55 -33.59 -27.47 -9.86
CA LYS B 55 -33.56 -26.52 -10.96
C LYS B 55 -32.31 -25.64 -10.85
N THR B 56 -31.83 -25.18 -11.99
CA THR B 56 -30.65 -24.32 -12.01
C THR B 56 -31.19 -22.92 -11.76
N LEU B 57 -30.35 -22.03 -11.24
CA LEU B 57 -30.78 -20.66 -10.97
C LEU B 57 -31.33 -20.02 -12.25
N GLY B 58 -30.88 -20.52 -13.39
CA GLY B 58 -31.35 -20.00 -14.65
C GLY B 58 -32.75 -20.53 -14.94
N GLU B 59 -32.95 -21.81 -14.65
CA GLU B 59 -34.25 -22.44 -14.86
C GLU B 59 -35.30 -21.86 -13.94
N CYS B 60 -34.87 -21.01 -13.01
CA CYS B 60 -35.79 -20.40 -12.06
C CYS B 60 -36.15 -18.96 -12.41
N GLY B 61 -35.38 -18.35 -13.31
CA GLY B 61 -35.67 -17.00 -13.71
C GLY B 61 -34.51 -16.04 -13.52
N PHE B 62 -33.45 -16.51 -12.87
CA PHE B 62 -32.28 -15.68 -12.66
C PHE B 62 -31.42 -15.82 -13.90
N THR B 63 -31.08 -14.70 -14.53
CA THR B 63 -30.26 -14.73 -15.73
C THR B 63 -29.18 -13.68 -15.67
N SER B 64 -28.19 -13.82 -16.55
CA SER B 64 -27.08 -12.89 -16.58
C SER B 64 -27.46 -11.44 -16.83
N GLN B 65 -28.63 -11.19 -17.40
CA GLN B 65 -29.03 -9.80 -17.65
C GLN B 65 -30.25 -9.32 -16.87
N THR B 66 -30.71 -10.11 -15.90
CA THR B 66 -31.84 -9.71 -15.07
C THR B 66 -31.36 -9.67 -13.62
N ALA B 67 -30.22 -10.30 -13.39
CA ALA B 67 -29.60 -10.36 -12.07
C ALA B 67 -28.21 -9.72 -12.21
N ARG B 68 -28.21 -8.40 -12.36
CA ARG B 68 -27.00 -7.62 -12.53
C ARG B 68 -26.46 -7.13 -11.17
N PRO B 69 -25.18 -6.71 -11.13
CA PRO B 69 -24.60 -6.24 -9.87
C PRO B 69 -25.28 -4.97 -9.35
N GLN B 70 -25.53 -4.04 -10.26
CA GLN B 70 -26.17 -2.77 -9.92
C GLN B 70 -27.58 -2.94 -9.35
N ALA B 71 -28.19 -4.09 -9.62
CA ALA B 71 -29.54 -4.39 -9.13
C ALA B 71 -29.73 -5.89 -9.09
N PRO B 72 -29.40 -6.51 -7.94
CA PRO B 72 -29.51 -7.95 -7.73
C PRO B 72 -30.95 -8.45 -7.75
N ALA B 73 -31.11 -9.74 -8.02
CA ALA B 73 -32.42 -10.36 -8.05
C ALA B 73 -32.75 -10.77 -6.61
N THR B 74 -33.99 -10.54 -6.18
CA THR B 74 -34.37 -10.87 -4.81
C THR B 74 -34.72 -12.35 -4.63
N VAL B 75 -34.18 -12.93 -3.56
CA VAL B 75 -34.45 -14.33 -3.23
C VAL B 75 -34.91 -14.38 -1.79
N GLY B 76 -36.10 -14.92 -1.58
CA GLY B 76 -36.64 -15.01 -0.23
C GLY B 76 -36.12 -16.20 0.54
N LEU B 77 -35.77 -15.99 1.80
CA LEU B 77 -35.25 -17.05 2.65
C LEU B 77 -36.06 -17.19 3.93
N ALA B 78 -36.57 -18.39 4.18
CA ALA B 78 -37.34 -18.67 5.37
C ALA B 78 -36.70 -19.87 6.05
N PHE B 79 -36.43 -19.75 7.34
CA PHE B 79 -35.81 -20.83 8.09
C PHE B 79 -36.80 -21.80 8.72
N ARG B 80 -36.27 -22.78 9.43
CA ARG B 80 -37.11 -23.79 10.05
C ARG B 80 -37.03 -23.77 11.57
N ALA B 81 -38.17 -24.03 12.20
CA ALA B 81 -38.26 -24.07 13.65
C ALA B 81 -37.74 -25.45 14.04
N ASP B 82 -38.38 -26.09 15.00
CA ASP B 82 -37.95 -27.42 15.39
C ASP B 82 -38.66 -28.43 14.49
N ASP B 83 -39.76 -27.99 13.87
CA ASP B 83 -40.54 -28.86 12.99
C ASP B 83 -41.07 -28.16 11.74
N THR B 84 -41.76 -27.05 11.92
CA THR B 84 -42.33 -26.31 10.79
C THR B 84 -41.64 -24.98 10.49
N PHE B 85 -41.48 -24.70 9.20
CA PHE B 85 -40.83 -23.48 8.73
C PHE B 85 -41.58 -22.23 9.14
N GLU B 86 -40.84 -21.14 9.27
CA GLU B 86 -41.43 -19.85 9.60
C GLU B 86 -42.01 -19.37 8.28
N ALA B 87 -42.81 -18.32 8.32
CA ALA B 87 -43.40 -17.79 7.10
C ALA B 87 -42.44 -16.78 6.49
N LEU B 88 -42.27 -16.84 5.17
CA LEU B 88 -41.38 -15.92 4.48
C LEU B 88 -41.82 -14.49 4.75
N ARG B 89 -41.11 -13.83 5.67
CA ARG B 89 -41.41 -12.46 6.03
C ARG B 89 -40.18 -11.58 5.82
N ILE B 90 -40.26 -10.68 4.85
CA ILE B 90 -39.14 -9.79 4.53
C ILE B 90 -39.42 -8.33 4.89
N GLU B 91 -38.50 -7.73 5.65
CA GLU B 91 -38.64 -6.33 6.07
C GLU B 91 -38.28 -5.35 4.97
N PRO B 92 -39.14 -4.35 4.73
CA PRO B 92 -38.88 -3.35 3.68
C PRO B 92 -37.85 -2.31 4.11
N PHE B 93 -37.00 -1.91 3.17
CA PHE B 93 -35.99 -0.90 3.45
C PHE B 93 -36.72 0.41 3.72
N SER B 94 -36.02 1.39 4.28
CA SER B 94 -36.63 2.69 4.56
C SER B 94 -37.00 3.36 3.24
N SER B 95 -38.12 4.06 3.23
CA SER B 95 -38.57 4.72 2.01
C SER B 95 -37.70 5.90 1.61
N PRO B 96 -37.60 6.16 0.28
CA PRO B 96 -36.80 7.27 -0.25
C PRO B 96 -37.58 8.59 -0.07
N PRO B 97 -36.94 9.61 0.54
CA PRO B 97 -37.59 10.91 0.76
C PRO B 97 -38.03 11.62 -0.52
N GLU B 98 -39.05 12.45 -0.38
CA GLU B 98 -39.59 13.19 -1.52
C GLU B 98 -38.51 13.87 -2.34
N LEU B 99 -38.75 13.96 -3.64
CA LEU B 99 -37.80 14.56 -4.55
C LEU B 99 -37.91 16.09 -4.56
N PRO B 100 -36.80 16.78 -4.28
CA PRO B 100 -36.78 18.26 -4.27
C PRO B 100 -37.27 18.82 -5.60
N ASP B 101 -38.22 19.75 -5.53
CA ASP B 101 -38.81 20.35 -6.73
C ASP B 101 -37.82 20.67 -7.84
N VAL B 102 -36.63 21.10 -7.46
CA VAL B 102 -35.59 21.45 -8.42
C VAL B 102 -35.26 20.30 -9.38
N MET B 103 -35.21 19.08 -8.85
CA MET B 103 -34.87 17.90 -9.64
C MET B 103 -36.00 17.13 -10.29
N LYS B 104 -37.04 17.81 -10.75
CA LYS B 104 -38.17 17.12 -11.38
C LYS B 104 -38.28 17.39 -12.88
N MET C 1 -15.01 -14.87 2.75
CA MET C 1 -15.23 -14.19 4.06
C MET C 1 -16.05 -12.93 3.89
N TYR C 2 -17.03 -12.75 4.76
CA TYR C 2 -17.92 -11.60 4.69
C TYR C 2 -17.81 -10.68 5.89
N VAL C 3 -18.55 -9.58 5.84
CA VAL C 3 -18.62 -8.60 6.92
C VAL C 3 -20.09 -8.20 6.98
N LYS C 4 -20.52 -7.66 8.11
CA LYS C 4 -21.91 -7.25 8.26
C LYS C 4 -22.00 -5.74 8.40
N LEU C 5 -22.74 -5.11 7.51
CA LEU C 5 -22.91 -3.66 7.56
C LEU C 5 -24.35 -3.31 7.94
N ILE C 6 -24.53 -2.78 9.15
CA ILE C 6 -25.85 -2.43 9.66
C ILE C 6 -26.22 -0.98 9.41
N SER C 7 -27.45 -0.75 8.97
CA SER C 7 -27.93 0.60 8.69
C SER C 7 -28.48 1.24 9.95
N SER C 8 -28.86 2.52 9.83
CA SER C 8 -29.39 3.26 10.95
C SER C 8 -30.72 2.70 11.45
N ASP C 9 -31.50 2.10 10.55
CA ASP C 9 -32.79 1.55 10.92
C ASP C 9 -32.78 0.04 11.22
N GLY C 10 -31.63 -0.48 11.62
CA GLY C 10 -31.53 -1.88 11.99
C GLY C 10 -31.35 -2.93 10.92
N HIS C 11 -31.16 -2.52 9.66
CA HIS C 11 -30.98 -3.48 8.59
C HIS C 11 -29.54 -3.94 8.44
N GLU C 12 -29.33 -5.26 8.51
CA GLU C 12 -27.99 -5.83 8.38
C GLU C 12 -27.75 -6.23 6.93
N PHE C 13 -26.56 -5.89 6.43
CA PHE C 13 -26.19 -6.24 5.05
C PHE C 13 -24.89 -7.02 5.08
N ILE C 14 -24.93 -8.22 4.50
CA ILE C 14 -23.74 -9.07 4.47
C ILE C 14 -23.10 -9.05 3.08
N VAL C 15 -21.88 -8.56 2.99
CA VAL C 15 -21.16 -8.48 1.72
C VAL C 15 -19.75 -9.07 1.84
N LYS C 16 -19.17 -9.45 0.71
CA LYS C 16 -17.81 -9.99 0.71
C LYS C 16 -16.93 -8.93 1.36
N ARG C 17 -15.99 -9.37 2.20
CA ARG C 17 -15.12 -8.43 2.89
C ARG C 17 -14.26 -7.60 1.94
N GLU C 18 -13.67 -8.25 0.94
CA GLU C 18 -12.83 -7.55 -0.02
C GLU C 18 -13.61 -6.49 -0.80
N HIS C 19 -14.91 -6.73 -0.98
CA HIS C 19 -15.76 -5.78 -1.69
C HIS C 19 -16.03 -4.58 -0.80
N ALA C 20 -16.40 -4.86 0.44
CA ALA C 20 -16.71 -3.82 1.40
C ALA C 20 -15.52 -2.91 1.64
N LEU C 21 -14.31 -3.44 1.46
CA LEU C 21 -13.09 -2.67 1.68
C LEU C 21 -12.66 -1.73 0.56
N THR C 22 -13.47 -1.58 -0.49
CA THR C 22 -13.10 -0.65 -1.55
C THR C 22 -13.27 0.73 -0.94
N SER C 23 -13.78 0.74 0.29
CA SER C 23 -14.01 1.96 1.05
C SER C 23 -12.93 2.13 2.11
N GLY C 24 -12.22 3.25 2.04
CA GLY C 24 -11.17 3.52 3.03
C GLY C 24 -11.78 3.64 4.40
N THR C 25 -12.83 4.45 4.50
CA THR C 25 -13.52 4.65 5.78
C THR C 25 -13.81 3.34 6.49
N ILE C 26 -14.39 2.38 5.77
CA ILE C 26 -14.71 1.09 6.38
C ILE C 26 -13.46 0.39 6.86
N LYS C 27 -12.38 0.45 6.08
CA LYS C 27 -11.14 -0.20 6.48
C LYS C 27 -10.70 0.43 7.81
N ALA C 28 -10.76 1.75 7.88
CA ALA C 28 -10.37 2.50 9.07
C ALA C 28 -11.22 2.12 10.29
N MET C 29 -12.52 1.97 10.07
CA MET C 29 -13.43 1.62 11.15
C MET C 29 -13.18 0.21 11.68
N LEU C 30 -12.64 -0.65 10.83
CA LEU C 30 -12.36 -2.02 11.23
C LEU C 30 -10.96 -2.17 11.81
N SER C 31 -10.33 -1.05 12.15
CA SER C 31 -8.98 -1.06 12.72
C SER C 31 -8.97 -0.32 14.06
N GLY C 32 -7.95 -0.59 14.88
CA GLY C 32 -7.86 0.05 16.17
C GLY C 32 -8.92 -0.49 17.10
N PRO C 33 -9.65 0.36 17.84
CA PRO C 33 -10.67 -0.17 18.74
C PRO C 33 -11.79 -0.86 17.95
N GLY C 34 -11.72 -0.74 16.62
CA GLY C 34 -12.71 -1.36 15.75
C GLY C 34 -12.21 -2.69 15.23
N GLN C 35 -11.01 -3.06 15.66
CA GLN C 35 -10.38 -4.31 15.27
C GLN C 35 -11.24 -5.49 15.75
N PHE C 36 -11.26 -6.57 14.98
CA PHE C 36 -12.04 -7.75 15.34
C PHE C 36 -11.16 -8.97 15.59
N ALA C 37 -11.71 -9.95 16.29
CA ALA C 37 -10.99 -11.19 16.58
C ALA C 37 -10.49 -11.77 15.26
N GLU C 38 -9.77 -12.88 15.34
CA GLU C 38 -9.23 -13.48 14.11
C GLU C 38 -10.25 -14.32 13.35
N ASN C 39 -11.23 -14.88 14.05
CA ASN C 39 -12.25 -15.70 13.40
C ASN C 39 -13.66 -15.23 13.73
N GLU C 40 -13.77 -14.07 14.36
CA GLU C 40 -15.05 -13.49 14.73
C GLU C 40 -15.61 -12.78 13.50
N THR C 41 -16.93 -12.73 13.37
CA THR C 41 -17.54 -12.08 12.22
C THR C 41 -17.45 -10.56 12.34
N ASN C 42 -16.89 -9.92 11.31
CA ASN C 42 -16.75 -8.48 11.31
C ASN C 42 -18.11 -7.82 11.12
N GLU C 43 -18.36 -6.76 11.87
CA GLU C 43 -19.63 -6.06 11.81
C GLU C 43 -19.49 -4.55 12.09
N VAL C 44 -19.91 -3.74 11.14
CA VAL C 44 -19.82 -2.29 11.30
C VAL C 44 -21.22 -1.68 11.35
N ASN C 45 -21.39 -0.67 12.21
CA ASN C 45 -22.68 -0.02 12.39
C ASN C 45 -22.68 1.47 12.02
N PHE C 46 -23.40 1.79 10.94
CA PHE C 46 -23.51 3.17 10.47
C PHE C 46 -24.75 3.75 11.11
N ARG C 47 -24.59 4.86 11.84
CA ARG C 47 -25.71 5.48 12.52
C ARG C 47 -26.45 6.54 11.71
N GLU C 48 -25.84 7.01 10.61
CA GLU C 48 -26.47 8.04 9.79
C GLU C 48 -26.77 7.60 8.35
N ILE C 49 -26.80 6.30 8.11
CA ILE C 49 -27.07 5.78 6.78
C ILE C 49 -28.27 4.84 6.78
N PRO C 50 -29.39 5.24 6.16
CA PRO C 50 -30.60 4.42 6.09
C PRO C 50 -30.41 3.18 5.21
N SER C 51 -31.34 2.24 5.30
CA SER C 51 -31.27 1.01 4.54
C SER C 51 -31.40 1.18 3.03
N HIS C 52 -32.26 2.10 2.58
CA HIS C 52 -32.43 2.31 1.14
C HIS C 52 -31.22 2.98 0.51
N VAL C 53 -30.25 3.36 1.33
CA VAL C 53 -29.03 4.00 0.85
C VAL C 53 -27.86 3.04 0.99
N LEU C 54 -27.76 2.42 2.17
CA LEU C 54 -26.68 1.49 2.45
C LEU C 54 -26.76 0.24 1.58
N SER C 55 -27.97 -0.16 1.20
CA SER C 55 -28.14 -1.33 0.35
C SER C 55 -27.61 -0.98 -1.04
N LYS C 56 -27.87 0.25 -1.48
CA LYS C 56 -27.42 0.69 -2.78
C LYS C 56 -25.90 0.77 -2.76
N VAL C 57 -25.35 1.18 -1.61
CA VAL C 57 -23.90 1.28 -1.46
C VAL C 57 -23.29 -0.10 -1.67
N CYS C 58 -23.85 -1.11 -1.02
CA CYS C 58 -23.35 -2.47 -1.16
C CYS C 58 -23.39 -2.88 -2.63
N MET C 59 -24.45 -2.50 -3.31
CA MET C 59 -24.58 -2.83 -4.72
C MET C 59 -23.42 -2.22 -5.48
N TYR C 60 -23.02 -1.02 -5.09
CA TYR C 60 -21.92 -0.34 -5.75
C TYR C 60 -20.63 -1.14 -5.61
N PHE C 61 -20.38 -1.66 -4.42
CA PHE C 61 -19.17 -2.44 -4.17
C PHE C 61 -19.04 -3.60 -5.16
N THR C 62 -20.14 -4.29 -5.40
CA THR C 62 -20.15 -5.41 -6.33
C THR C 62 -19.96 -4.86 -7.74
N TYR C 63 -20.76 -3.85 -8.06
CA TYR C 63 -20.70 -3.20 -9.37
C TYR C 63 -19.27 -2.86 -9.74
N LYS C 64 -18.51 -2.38 -8.76
CA LYS C 64 -17.12 -1.97 -8.95
C LYS C 64 -16.18 -3.16 -9.14
N VAL C 65 -16.08 -4.00 -8.12
CA VAL C 65 -15.21 -5.18 -8.15
C VAL C 65 -15.37 -6.08 -9.38
N ARG C 66 -16.57 -6.14 -9.94
CA ARG C 66 -16.81 -7.01 -11.10
C ARG C 66 -16.94 -6.21 -12.39
N TYR C 67 -16.46 -4.96 -12.37
CA TYR C 67 -16.55 -4.10 -13.54
C TYR C 67 -15.73 -4.65 -14.72
N THR C 68 -16.38 -4.85 -15.85
CA THR C 68 -15.71 -5.39 -17.03
C THR C 68 -16.38 -4.93 -18.32
N ASN C 69 -15.61 -4.41 -19.26
CA ASN C 69 -16.14 -3.94 -20.54
C ASN C 69 -16.03 -5.00 -21.63
N SER C 70 -15.26 -6.05 -21.36
CA SER C 70 -15.07 -7.13 -22.32
C SER C 70 -16.12 -8.23 -22.13
N SER C 71 -17.26 -7.85 -21.57
CA SER C 71 -18.35 -8.79 -21.32
C SER C 71 -19.45 -8.63 -22.37
N THR C 72 -20.36 -9.60 -22.40
CA THR C 72 -21.49 -9.59 -23.33
C THR C 72 -22.55 -8.68 -22.73
N GLU C 73 -22.15 -7.99 -21.66
CA GLU C 73 -22.99 -7.07 -20.93
C GLU C 73 -22.13 -5.85 -20.58
N ILE C 74 -22.58 -4.68 -21.03
CA ILE C 74 -21.87 -3.43 -20.81
C ILE C 74 -22.27 -2.80 -19.47
N PRO C 75 -21.31 -2.70 -18.52
CA PRO C 75 -21.49 -2.13 -17.19
C PRO C 75 -22.39 -0.90 -17.13
N GLU C 76 -23.06 -0.72 -16.00
CA GLU C 76 -23.97 0.40 -15.80
C GLU C 76 -24.47 0.40 -14.36
N PHE C 77 -24.53 1.58 -13.75
CA PHE C 77 -24.99 1.68 -12.37
C PHE C 77 -25.98 2.83 -12.20
N PRO C 78 -27.22 2.66 -12.71
CA PRO C 78 -28.27 3.69 -12.61
C PRO C 78 -28.68 4.02 -11.19
N ILE C 79 -28.85 5.31 -10.91
CA ILE C 79 -29.25 5.77 -9.59
C ILE C 79 -30.56 6.55 -9.66
N ALA C 80 -31.47 6.24 -8.76
CA ALA C 80 -32.76 6.91 -8.72
C ALA C 80 -32.59 8.34 -8.23
N PRO C 81 -33.11 9.31 -8.98
CA PRO C 81 -33.00 10.72 -8.59
C PRO C 81 -33.56 11.04 -7.21
N GLU C 82 -34.30 10.10 -6.63
CA GLU C 82 -34.87 10.35 -5.31
C GLU C 82 -34.01 9.88 -4.15
N ILE C 83 -32.86 9.28 -4.46
CA ILE C 83 -31.93 8.81 -3.43
C ILE C 83 -30.47 9.15 -3.75
N PRO C 84 -30.22 10.17 -4.60
CA PRO C 84 -28.85 10.54 -4.95
C PRO C 84 -28.13 11.44 -3.95
N LEU C 85 -28.81 12.47 -3.49
CA LEU C 85 -28.20 13.40 -2.54
C LEU C 85 -27.90 12.66 -1.26
N GLU C 86 -28.80 11.76 -0.90
CA GLU C 86 -28.62 10.98 0.31
C GLU C 86 -27.49 9.97 0.07
N LEU C 87 -27.32 9.57 -1.18
CA LEU C 87 -26.28 8.62 -1.55
C LEU C 87 -24.94 9.32 -1.76
N LEU C 88 -25.00 10.59 -2.16
CA LEU C 88 -23.79 11.38 -2.37
C LEU C 88 -23.13 11.59 -1.01
N MET C 89 -23.95 11.86 0.00
CA MET C 89 -23.47 12.06 1.36
C MET C 89 -22.83 10.77 1.85
N ALA C 90 -23.49 9.66 1.57
CA ALA C 90 -23.00 8.33 1.96
C ALA C 90 -21.69 7.96 1.28
N ALA C 91 -21.52 8.40 0.04
CA ALA C 91 -20.31 8.10 -0.71
C ALA C 91 -19.16 9.00 -0.29
N ASN C 92 -19.48 10.25 0.02
CA ASN C 92 -18.46 11.19 0.45
C ASN C 92 -17.90 10.69 1.76
N PHE C 93 -18.79 10.15 2.60
CA PHE C 93 -18.42 9.62 3.90
C PHE C 93 -17.61 8.33 3.81
N LEU C 94 -18.10 7.38 3.01
CA LEU C 94 -17.39 6.12 2.85
C LEU C 94 -16.13 6.31 2.02
N ASP C 95 -16.10 7.40 1.25
CA ASP C 95 -14.96 7.71 0.39
C ASP C 95 -14.82 6.67 -0.71
N CYS C 96 -15.59 6.86 -1.77
CA CYS C 96 -15.59 5.95 -2.92
C CYS C 96 -16.53 6.46 -4.02
N LYS D 1 -33.76 20.00 7.10
CA LYS D 1 -33.06 19.14 8.10
C LYS D 1 -32.58 20.00 9.27
N GLY D 2 -32.74 19.50 10.49
CA GLY D 2 -32.31 20.24 11.66
C GLY D 2 -30.79 20.30 11.75
N SER D 3 -30.24 21.50 11.56
CA SER D 3 -28.79 21.70 11.58
C SER D 3 -28.07 21.31 12.87
N LEU D 4 -27.02 20.51 12.72
CA LEU D 4 -26.19 20.04 13.83
C LEU D 4 -24.78 20.60 13.63
N GLN D 5 -24.38 21.52 14.51
CA GLN D 5 -23.07 22.13 14.41
C GLN D 5 -22.08 21.58 15.43
N PHE D 6 -20.90 22.18 15.47
CA PHE D 6 -19.83 21.76 16.38
C PHE D 6 -20.34 21.67 17.81
N GLU D 7 -20.78 22.80 18.35
CA GLU D 7 -21.28 22.90 19.72
C GLU D 7 -22.37 21.89 20.05
N ASP D 8 -23.00 21.34 19.03
CA ASP D 8 -24.07 20.35 19.22
C ASP D 8 -23.49 18.96 19.47
N LYS D 9 -22.43 18.63 18.74
CA LYS D 9 -21.81 17.31 18.83
C LYS D 9 -20.58 17.15 19.71
N TRP D 10 -19.62 18.05 19.57
CA TRP D 10 -18.36 17.97 20.32
C TRP D 10 -18.43 17.44 21.74
N ASP D 11 -19.55 17.68 22.42
CA ASP D 11 -19.70 17.23 23.80
C ASP D 11 -19.80 15.71 23.92
N PHE D 12 -20.34 15.06 22.89
CA PHE D 12 -20.47 13.60 22.87
C PHE D 12 -19.21 13.00 22.26
N MET D 13 -18.61 13.76 21.35
CA MET D 13 -17.39 13.34 20.66
C MET D 13 -16.17 13.41 21.55
N ARG D 14 -15.89 14.61 22.07
CA ARG D 14 -14.75 14.85 22.92
C ARG D 14 -14.38 13.73 23.91
N PRO D 15 -15.33 13.33 24.77
CA PRO D 15 -15.01 12.26 25.73
C PRO D 15 -14.27 11.06 25.14
N ILE D 16 -14.54 10.76 23.87
CA ILE D 16 -13.88 9.64 23.20
C ILE D 16 -12.46 10.04 22.82
N VAL D 17 -12.30 11.27 22.34
CA VAL D 17 -11.00 11.77 21.95
C VAL D 17 -10.05 11.63 23.13
N LEU D 18 -10.53 11.99 24.32
CA LEU D 18 -9.71 11.90 25.51
C LEU D 18 -9.32 10.46 25.80
N LYS D 19 -10.27 9.54 25.68
CA LYS D 19 -10.00 8.13 25.93
C LYS D 19 -8.95 7.59 24.97
N LEU D 20 -9.04 7.99 23.71
CA LEU D 20 -8.09 7.56 22.68
C LEU D 20 -6.69 8.05 23.02
N LEU D 21 -6.58 9.33 23.38
CA LEU D 21 -5.30 9.91 23.74
C LEU D 21 -4.68 9.17 24.92
N ARG D 22 -5.50 8.83 25.90
CA ARG D 22 -5.04 8.16 27.10
C ARG D 22 -5.05 6.64 26.99
N GLN D 23 -5.39 6.15 25.80
CA GLN D 23 -5.43 4.72 25.56
C GLN D 23 -6.36 3.98 26.52
N GLU D 24 -7.56 4.53 26.69
CA GLU D 24 -8.58 3.94 27.55
C GLU D 24 -9.63 3.28 26.66
N SER D 25 -9.90 2.01 26.90
CA SER D 25 -10.88 1.24 26.12
C SER D 25 -12.10 2.01 25.60
N VAL D 26 -12.27 1.97 24.28
CA VAL D 26 -13.39 2.61 23.59
C VAL D 26 -14.17 1.50 22.88
N THR D 27 -15.49 1.53 22.98
CA THR D 27 -16.32 0.51 22.35
C THR D 27 -16.48 0.74 20.86
N LYS D 28 -16.64 -0.34 20.11
CA LYS D 28 -16.78 -0.25 18.66
C LYS D 28 -17.85 0.72 18.22
N GLN D 29 -18.97 0.75 18.93
CA GLN D 29 -20.05 1.65 18.57
C GLN D 29 -19.58 3.11 18.71
N GLN D 30 -18.74 3.38 19.71
CA GLN D 30 -18.22 4.73 19.90
C GLN D 30 -17.25 5.05 18.78
N TRP D 31 -16.37 4.09 18.47
CA TRP D 31 -15.38 4.22 17.41
C TRP D 31 -16.11 4.66 16.15
N PHE D 32 -17.06 3.82 15.71
CA PHE D 32 -17.83 4.10 14.52
C PHE D 32 -18.56 5.44 14.63
N ASP D 33 -19.42 5.55 15.64
CA ASP D 33 -20.19 6.76 15.86
C ASP D 33 -19.34 8.01 15.78
N LEU D 34 -18.06 7.90 16.12
CA LEU D 34 -17.17 9.07 16.06
C LEU D 34 -16.92 9.47 14.61
N PHE D 35 -16.55 8.50 13.77
CA PHE D 35 -16.30 8.76 12.35
C PHE D 35 -17.48 9.52 11.76
N SER D 36 -18.68 9.08 12.11
CA SER D 36 -19.92 9.68 11.64
C SER D 36 -20.10 11.12 12.10
N ASP D 37 -19.77 11.37 13.38
CA ASP D 37 -19.91 12.71 13.93
C ASP D 37 -18.91 13.69 13.34
N VAL D 38 -17.65 13.26 13.25
CA VAL D 38 -16.61 14.12 12.69
C VAL D 38 -17.05 14.57 11.31
N HIS D 39 -17.44 13.62 10.48
CA HIS D 39 -17.88 13.89 9.12
C HIS D 39 -19.03 14.89 9.10
N ALA D 40 -20.09 14.59 9.85
CA ALA D 40 -21.25 15.46 9.92
C ALA D 40 -20.87 16.89 10.25
N VAL D 41 -20.12 17.06 11.33
CA VAL D 41 -19.67 18.38 11.79
C VAL D 41 -18.91 19.14 10.71
N CYS D 42 -18.02 18.46 10.00
CA CYS D 42 -17.22 19.09 8.96
C CYS D 42 -18.00 19.63 7.78
N LEU D 43 -18.86 18.80 7.20
CA LEU D 43 -19.63 19.21 6.03
C LEU D 43 -20.81 20.13 6.33
N TRP D 44 -21.48 19.90 7.45
CA TRP D 44 -22.63 20.72 7.81
C TRP D 44 -22.29 22.05 8.48
N ASP D 45 -21.27 22.05 9.34
CA ASP D 45 -20.88 23.27 10.03
C ASP D 45 -19.99 24.13 9.12
N ASP D 46 -20.32 25.41 9.04
CA ASP D 46 -19.56 26.33 8.20
C ASP D 46 -18.11 26.41 8.67
N LYS D 47 -17.94 26.66 9.97
CA LYS D 47 -16.62 26.77 10.59
C LYS D 47 -16.29 25.47 11.31
N GLY D 48 -17.08 24.43 11.03
CA GLY D 48 -16.91 23.14 11.67
C GLY D 48 -15.50 22.54 11.71
N PRO D 49 -14.86 22.34 10.55
CA PRO D 49 -13.52 21.76 10.52
C PRO D 49 -12.51 22.58 11.30
N ALA D 50 -12.47 23.88 11.03
CA ALA D 50 -11.55 24.79 11.70
C ALA D 50 -11.57 24.64 13.21
N LYS D 51 -12.78 24.55 13.78
CA LYS D 51 -12.94 24.41 15.22
C LYS D 51 -12.41 23.08 15.76
N ILE D 52 -12.77 21.99 15.09
CA ILE D 52 -12.33 20.65 15.51
C ILE D 52 -10.81 20.58 15.57
N HIS D 53 -10.15 21.39 14.75
CA HIS D 53 -8.69 21.43 14.72
C HIS D 53 -8.21 22.11 15.98
N GLN D 54 -8.92 23.18 16.36
CA GLN D 54 -8.61 23.94 17.54
C GLN D 54 -8.86 23.09 18.79
N ALA D 55 -10.06 22.52 18.88
CA ALA D 55 -10.44 21.68 20.00
C ALA D 55 -9.40 20.59 20.23
N LEU D 56 -9.01 19.92 19.15
CA LEU D 56 -8.02 18.85 19.21
C LEU D 56 -6.68 19.39 19.70
N LYS D 57 -6.26 20.50 19.12
CA LYS D 57 -5.00 21.15 19.49
C LYS D 57 -4.92 21.32 20.99
N GLU D 58 -6.04 21.74 21.59
CA GLU D 58 -6.15 21.97 23.03
C GLU D 58 -6.12 20.67 23.84
N ASP D 59 -7.06 19.78 23.57
CA ASP D 59 -7.17 18.51 24.28
C ASP D 59 -5.92 17.65 24.17
N ILE D 60 -5.17 17.85 23.09
CA ILE D 60 -3.94 17.11 22.90
C ILE D 60 -2.89 17.72 23.82
N LEU D 61 -2.91 19.05 23.93
CA LEU D 61 -1.97 19.75 24.78
C LEU D 61 -2.14 19.33 26.23
N GLU D 62 -3.39 19.36 26.71
CA GLU D 62 -3.69 18.97 28.08
C GLU D 62 -3.08 17.62 28.44
N PHE D 63 -3.46 16.58 27.69
CA PHE D 63 -2.94 15.25 27.95
C PHE D 63 -1.41 15.23 27.98
N ILE D 64 -0.80 15.88 27.01
CA ILE D 64 0.65 15.91 26.96
C ILE D 64 1.25 16.49 28.22
N LYS D 65 0.72 17.62 28.67
CA LYS D 65 1.23 18.24 29.89
C LYS D 65 1.00 17.33 31.09
N GLN D 66 0.01 16.45 30.99
CA GLN D 66 -0.28 15.51 32.05
C GLN D 66 0.85 14.48 32.07
N ALA D 67 1.27 14.07 30.87
CA ALA D 67 2.34 13.10 30.73
C ALA D 67 3.66 13.78 31.02
N GLN D 68 3.77 15.05 30.61
CA GLN D 68 4.98 15.83 30.85
C GLN D 68 5.27 15.79 32.34
N ALA D 69 4.25 16.08 33.14
CA ALA D 69 4.38 16.06 34.58
C ALA D 69 4.85 14.67 35.02
N ARG D 70 4.08 13.65 34.65
CA ARG D 70 4.42 12.28 35.01
C ARG D 70 5.85 11.88 34.68
N VAL D 71 6.39 12.45 33.62
CA VAL D 71 7.75 12.12 33.20
C VAL D 71 8.80 12.94 33.92
N LEU D 72 8.70 14.26 33.78
CA LEU D 72 9.65 15.18 34.40
C LEU D 72 9.66 15.16 35.93
N SER D 73 8.71 14.43 36.53
CA SER D 73 8.63 14.33 37.98
C SER D 73 9.75 13.45 38.53
N HIS D 74 10.67 13.05 37.65
CA HIS D 74 11.79 12.23 38.07
C HIS D 74 13.11 12.99 37.89
N GLN D 75 13.93 13.00 38.93
CA GLN D 75 15.22 13.70 38.90
C GLN D 75 16.28 12.70 38.41
N ASP D 76 16.20 11.49 38.95
CA ASP D 76 17.11 10.39 38.61
C ASP D 76 17.01 10.08 37.12
N ASP D 77 18.15 10.14 36.42
CA ASP D 77 18.19 9.89 34.98
C ASP D 77 17.74 8.51 34.52
N THR D 78 18.03 7.47 35.30
CA THR D 78 17.63 6.12 34.93
C THR D 78 16.11 5.98 34.93
N ALA D 79 15.45 6.70 35.85
CA ALA D 79 14.00 6.65 35.96
C ALA D 79 13.31 7.62 35.01
N LEU D 80 14.04 8.65 34.59
CA LEU D 80 13.50 9.64 33.66
C LEU D 80 13.26 8.97 32.32
N LEU D 81 14.14 8.04 31.97
CA LEU D 81 14.04 7.29 30.71
C LEU D 81 12.94 6.24 30.85
N LYS D 82 13.09 5.38 31.85
CA LYS D 82 12.13 4.32 32.11
C LYS D 82 10.71 4.88 32.10
N ALA D 83 10.56 6.10 32.63
CA ALA D 83 9.27 6.77 32.68
C ALA D 83 8.86 7.32 31.32
N TYR D 84 9.83 7.80 30.56
CA TYR D 84 9.56 8.34 29.23
C TYR D 84 9.12 7.24 28.29
N ILE D 85 9.93 6.19 28.21
CA ILE D 85 9.64 5.05 27.33
C ILE D 85 8.23 4.50 27.54
N VAL D 86 7.75 4.54 28.78
CA VAL D 86 6.41 4.03 29.06
C VAL D 86 5.33 4.95 28.51
N GLU D 87 5.49 6.25 28.74
CA GLU D 87 4.51 7.21 28.26
C GLU D 87 4.58 7.32 26.74
N TRP D 88 5.76 7.05 26.19
CA TRP D 88 5.99 7.09 24.75
C TRP D 88 5.28 5.92 24.07
N ARG D 89 5.55 4.71 24.53
CA ARG D 89 4.93 3.51 23.98
C ARG D 89 3.45 3.76 23.71
N LYS D 90 2.77 4.26 24.74
CA LYS D 90 1.34 4.54 24.64
C LYS D 90 1.02 5.61 23.60
N PHE D 91 1.50 6.83 23.84
CA PHE D 91 1.26 7.95 22.94
C PHE D 91 1.59 7.62 21.48
N PHE D 92 2.77 7.05 21.26
CA PHE D 92 3.22 6.70 19.91
C PHE D 92 2.27 5.71 19.25
N THR D 93 1.72 4.80 20.03
CA THR D 93 0.78 3.81 19.52
C THR D 93 -0.51 4.50 19.13
N GLN D 94 -0.99 5.38 20.00
CA GLN D 94 -2.22 6.11 19.74
C GLN D 94 -2.10 7.12 18.60
N CYS D 95 -0.88 7.33 18.12
CA CYS D 95 -0.66 8.27 17.03
C CYS D 95 -1.15 7.65 15.72
N ASP D 96 -1.17 6.32 15.67
CA ASP D 96 -1.63 5.62 14.48
C ASP D 96 -3.12 5.34 14.59
N ILE D 97 -3.72 5.74 15.71
CA ILE D 97 -5.14 5.50 15.93
C ILE D 97 -6.01 6.74 15.98
N LEU D 98 -5.64 7.71 16.80
CA LEU D 98 -6.44 8.91 16.94
C LEU D 98 -6.75 9.66 15.64
N PRO D 99 -5.80 9.69 14.68
CA PRO D 99 -6.06 10.40 13.43
C PRO D 99 -7.15 9.81 12.54
N LYS D 100 -7.30 8.50 12.57
CA LYS D 100 -8.29 7.78 11.76
C LYS D 100 -9.63 8.49 11.56
N PRO D 101 -10.39 8.73 12.64
CA PRO D 101 -11.68 9.40 12.53
C PRO D 101 -11.67 10.80 11.94
N PHE D 102 -10.49 11.42 11.86
CA PHE D 102 -10.39 12.77 11.35
C PHE D 102 -9.75 12.92 9.97
N CYS D 103 -9.96 11.94 9.09
CA CYS D 103 -9.39 12.03 7.75
C CYS D 103 -10.19 13.03 6.91
N GLN D 104 -11.44 13.22 7.26
CA GLN D 104 -12.30 14.16 6.55
C GLN D 104 -11.88 15.57 6.93
N LEU D 105 -11.09 15.66 7.99
CA LEU D 105 -10.59 16.94 8.47
C LEU D 105 -9.44 17.37 7.58
N GLU D 106 -8.68 16.37 7.11
CA GLU D 106 -7.54 16.61 6.23
C GLU D 106 -8.01 17.23 4.92
N ILE D 107 -8.89 16.51 4.23
CA ILE D 107 -9.45 16.94 2.95
C ILE D 107 -10.19 18.27 3.05
N THR D 108 -10.34 18.78 4.27
CA THR D 108 -11.03 20.05 4.49
C THR D 108 -10.03 21.11 4.96
N LEU D 109 -8.75 20.73 5.05
CA LEU D 109 -7.70 21.64 5.48
C LEU D 109 -6.39 21.35 4.75
N ASN D 120 -4.51 9.83 4.02
CA ASN D 120 -3.35 9.16 4.59
C ASN D 120 -3.32 9.39 6.11
N VAL D 121 -2.86 8.39 6.86
CA VAL D 121 -2.80 8.49 8.31
C VAL D 121 -1.42 8.91 8.83
N GLU D 122 -0.42 8.88 7.95
CA GLU D 122 0.95 9.25 8.32
C GLU D 122 1.18 10.73 8.11
N ASP D 123 0.71 11.24 6.98
CA ASP D 123 0.85 12.65 6.63
C ASP D 123 -0.30 13.41 7.27
N SER D 124 -0.94 12.76 8.23
CA SER D 124 -2.08 13.31 8.94
C SER D 124 -1.76 14.61 9.68
N ILE D 125 -2.63 15.61 9.52
CA ILE D 125 -2.45 16.89 10.19
C ILE D 125 -2.54 16.62 11.69
N VAL D 126 -3.50 15.76 12.07
CA VAL D 126 -3.70 15.41 13.47
C VAL D 126 -2.51 14.63 14.00
N ARG D 127 -2.05 13.64 13.23
CA ARG D 127 -0.91 12.84 13.65
C ARG D 127 0.32 13.73 13.74
N LYS D 128 0.38 14.76 12.90
CA LYS D 128 1.51 15.69 12.90
C LYS D 128 1.39 16.54 14.15
N LEU D 129 0.20 17.07 14.38
CA LEU D 129 -0.06 17.91 15.54
C LEU D 129 0.19 17.13 16.82
N MET D 130 -0.01 15.82 16.79
CA MET D 130 0.22 15.01 17.97
C MET D 130 1.71 14.95 18.27
N LEU D 131 2.47 14.43 17.32
CA LEU D 131 3.92 14.30 17.49
C LEU D 131 4.60 15.62 17.81
N ASP D 132 4.23 16.68 17.09
CA ASP D 132 4.82 18.00 17.31
C ASP D 132 4.60 18.51 18.73
N THR D 133 3.36 18.45 19.21
CA THR D 133 3.04 18.92 20.54
C THR D 133 3.83 18.13 21.60
N TRP D 134 4.13 16.88 21.29
CA TRP D 134 4.87 16.02 22.21
C TRP D 134 6.34 16.36 22.19
N ASN D 135 6.81 16.88 21.06
CA ASN D 135 8.20 17.27 20.91
C ASN D 135 8.48 18.50 21.76
N GLU D 136 7.63 19.52 21.59
CA GLU D 136 7.77 20.77 22.32
C GLU D 136 7.66 20.63 23.83
N SER D 137 6.86 19.67 24.28
CA SER D 137 6.67 19.50 25.71
C SER D 137 7.53 18.47 26.44
N ILE D 138 7.91 17.39 25.77
CA ILE D 138 8.71 16.39 26.47
C ILE D 138 10.07 16.04 25.87
N PHE D 139 10.11 15.79 24.56
CA PHE D 139 11.36 15.40 23.91
C PHE D 139 12.42 16.49 23.74
N SER D 140 12.15 17.47 22.89
CA SER D 140 13.08 18.56 22.60
C SER D 140 14.01 18.96 23.74
N ASN D 141 13.56 18.78 24.98
CA ASN D 141 14.37 19.16 26.14
C ASN D 141 15.16 18.00 26.72
N ILE D 142 14.48 16.98 27.22
CA ILE D 142 15.16 15.83 27.81
C ILE D 142 15.71 14.82 26.80
N LYS D 143 15.79 15.19 25.54
CA LYS D 143 16.30 14.26 24.53
C LYS D 143 17.74 13.87 24.81
N ASN D 144 18.61 14.86 24.91
CA ASN D 144 20.02 14.61 25.17
C ASN D 144 20.21 13.72 26.38
N ARG D 145 19.45 13.98 27.44
CA ARG D 145 19.56 13.16 28.64
C ARG D 145 19.15 11.72 28.37
N LEU D 146 18.18 11.54 27.45
CA LEU D 146 17.70 10.21 27.09
C LEU D 146 18.75 9.48 26.26
N GLN D 147 19.33 10.19 25.30
CA GLN D 147 20.33 9.62 24.42
C GLN D 147 21.51 9.04 25.21
N ASP D 148 22.23 9.92 25.89
CA ASP D 148 23.39 9.50 26.67
C ASP D 148 23.03 8.45 27.71
N SER D 149 21.77 8.44 28.11
CA SER D 149 21.29 7.48 29.09
C SER D 149 21.05 6.14 28.39
N ALA D 150 20.72 6.22 27.10
CA ALA D 150 20.46 5.05 26.28
C ALA D 150 21.77 4.40 25.83
N MET D 151 22.74 5.24 25.46
CA MET D 151 24.04 4.74 25.03
C MET D 151 24.62 3.92 26.17
N LYS D 152 24.45 4.40 27.41
CA LYS D 152 24.95 3.69 28.58
C LYS D 152 24.40 2.27 28.60
N LEU D 153 23.08 2.15 28.43
CA LEU D 153 22.43 0.83 28.43
C LEU D 153 23.04 -0.10 27.39
N VAL D 154 23.41 0.46 26.24
CA VAL D 154 24.04 -0.32 25.16
C VAL D 154 25.43 -0.76 25.58
N HIS D 155 26.24 0.21 26.02
CA HIS D 155 27.59 -0.08 26.46
C HIS D 155 27.53 -1.17 27.52
N ALA D 156 26.43 -1.19 28.27
CA ALA D 156 26.25 -2.19 29.32
C ALA D 156 26.03 -3.55 28.69
N GLU D 157 25.13 -3.62 27.71
CA GLU D 157 24.82 -4.88 27.03
C GLU D 157 26.06 -5.53 26.43
N ARG D 158 27.04 -4.71 26.05
CA ARG D 158 28.26 -5.24 25.47
C ARG D 158 29.12 -5.90 26.54
N LEU D 159 28.95 -5.46 27.79
CA LEU D 159 29.69 -6.00 28.92
C LEU D 159 28.88 -7.06 29.65
N GLY D 160 27.92 -7.67 28.94
CA GLY D 160 27.12 -8.72 29.53
C GLY D 160 25.88 -8.33 30.31
N GLU D 161 25.49 -7.06 30.29
CA GLU D 161 24.31 -6.64 31.04
C GLU D 161 23.08 -6.46 30.16
N ALA D 162 22.14 -7.37 30.30
CA ALA D 162 20.90 -7.34 29.52
C ALA D 162 19.82 -6.49 30.19
N PHE D 163 19.17 -5.64 29.39
CA PHE D 163 18.11 -4.76 29.89
C PHE D 163 16.90 -4.83 28.96
N ASP D 164 15.87 -4.06 29.30
CA ASP D 164 14.66 -4.02 28.49
C ASP D 164 15.00 -3.27 27.20
N SER D 165 15.35 -4.03 26.17
CA SER D 165 15.73 -3.46 24.88
C SER D 165 14.82 -2.32 24.41
N GLN D 166 13.56 -2.38 24.79
CA GLN D 166 12.58 -1.36 24.42
C GLN D 166 12.93 0.04 24.93
N LEU D 167 14.00 0.14 25.71
CA LEU D 167 14.40 1.44 26.24
C LEU D 167 15.21 2.27 25.25
N VAL D 168 16.16 1.64 24.56
CA VAL D 168 16.98 2.35 23.58
C VAL D 168 16.17 2.53 22.30
N ILE D 169 15.28 1.57 22.05
CA ILE D 169 14.43 1.61 20.88
C ILE D 169 13.48 2.79 20.99
N GLY D 170 12.82 2.90 22.14
CA GLY D 170 11.90 4.01 22.35
C GLY D 170 12.60 5.33 22.06
N VAL D 171 13.90 5.38 22.32
CA VAL D 171 14.67 6.59 22.08
C VAL D 171 14.91 6.76 20.58
N ARG D 172 15.18 5.65 19.90
CA ARG D 172 15.40 5.70 18.46
C ARG D 172 14.12 6.16 17.79
N GLU D 173 13.03 5.46 18.09
CA GLU D 173 11.72 5.80 17.53
C GLU D 173 11.45 7.29 17.73
N SER D 174 11.91 7.83 18.84
CA SER D 174 11.70 9.24 19.15
C SER D 174 12.48 10.16 18.22
N TYR D 175 13.76 9.88 18.03
CA TYR D 175 14.59 10.71 17.16
C TYR D 175 14.17 10.60 15.71
N VAL D 176 13.73 9.41 15.31
CA VAL D 176 13.31 9.18 13.94
C VAL D 176 11.98 9.85 13.63
N ASN D 177 10.99 9.60 14.49
CA ASN D 177 9.65 10.14 14.29
C ASN D 177 9.38 11.57 14.74
N LEU D 178 10.23 12.14 15.59
CA LEU D 178 10.01 13.50 16.07
C LEU D 178 10.97 14.54 15.50
N CYS D 179 11.11 14.57 14.18
CA CYS D 179 11.99 15.54 13.53
C CYS D 179 11.21 16.47 12.64
N SER D 180 11.13 17.73 13.05
CA SER D 180 10.38 18.75 12.33
C SER D 180 11.01 19.28 11.03
N ASN D 181 12.06 18.63 10.56
CA ASN D 181 12.72 19.08 9.34
C ASN D 181 11.86 18.72 8.11
N PRO D 182 11.41 19.73 7.34
CA PRO D 182 10.59 19.59 6.14
C PRO D 182 11.19 18.80 4.99
N GLU D 183 12.51 18.81 4.87
CA GLU D 183 13.15 18.09 3.76
C GLU D 183 14.27 17.15 4.18
N ASP D 184 14.02 16.44 5.27
CA ASP D 184 14.98 15.50 5.82
C ASP D 184 14.41 15.04 7.15
N LYS D 185 14.00 13.79 7.26
CA LYS D 185 13.42 13.34 8.50
C LYS D 185 14.35 12.63 9.43
N LEU D 186 15.47 12.15 8.91
CA LEU D 186 16.40 11.47 9.79
C LEU D 186 17.53 12.39 10.22
N GLN D 187 17.35 13.69 9.99
CA GLN D 187 18.37 14.68 10.35
C GLN D 187 18.84 14.56 11.79
N ILE D 188 17.93 14.70 12.74
CA ILE D 188 18.32 14.62 14.15
C ILE D 188 18.62 13.19 14.54
N TYR D 189 18.27 12.25 13.67
CA TYR D 189 18.55 10.84 13.93
C TYR D 189 20.01 10.58 13.60
N ARG D 190 20.46 11.13 12.48
CA ARG D 190 21.84 10.97 12.05
C ARG D 190 22.78 11.80 12.92
N ASP D 191 22.56 13.12 12.93
CA ASP D 191 23.40 14.03 13.69
C ASP D 191 23.43 13.75 15.19
N ASN D 192 22.46 13.01 15.71
CA ASN D 192 22.44 12.72 17.13
C ASN D 192 22.52 11.25 17.51
N PHE D 193 21.39 10.55 17.44
CA PHE D 193 21.35 9.14 17.84
C PHE D 193 22.31 8.22 17.11
N GLU D 194 22.31 8.28 15.78
CA GLU D 194 23.20 7.43 15.01
C GLU D 194 24.65 7.73 15.38
N LYS D 195 25.07 8.98 15.15
CA LYS D 195 26.43 9.40 15.46
C LYS D 195 26.85 8.98 16.87
N ALA D 196 25.95 9.12 17.83
CA ALA D 196 26.24 8.74 19.20
C ALA D 196 26.56 7.26 19.27
N TYR D 197 25.74 6.46 18.59
CA TYR D 197 25.89 5.01 18.56
C TYR D 197 27.21 4.61 17.89
N LEU D 198 27.53 5.29 16.78
CA LEU D 198 28.76 5.00 16.06
C LEU D 198 29.98 5.26 16.93
N ASP D 199 30.02 6.43 17.55
CA ASP D 199 31.13 6.83 18.39
C ASP D 199 31.32 5.97 19.64
N SER D 200 30.25 5.73 20.39
CA SER D 200 30.35 4.90 21.58
C SER D 200 30.82 3.49 21.19
N THR D 201 30.57 3.12 19.94
CA THR D 201 30.96 1.82 19.41
C THR D 201 32.45 1.81 19.10
N GLU D 202 32.85 2.66 18.15
CA GLU D 202 34.24 2.78 17.73
C GLU D 202 35.14 3.00 18.96
N ARG D 203 34.68 3.87 19.86
CA ARG D 203 35.41 4.18 21.07
C ARG D 203 35.59 2.91 21.91
N PHE D 204 34.48 2.21 22.13
CA PHE D 204 34.48 0.96 22.90
C PHE D 204 35.59 0.01 22.46
N TYR D 205 35.71 -0.18 21.14
CA TYR D 205 36.71 -1.09 20.60
C TYR D 205 38.11 -0.51 20.50
N ARG D 206 38.21 0.80 20.27
CA ARG D 206 39.51 1.46 20.18
C ARG D 206 40.40 1.06 21.34
N THR D 207 39.78 0.56 22.41
CA THR D 207 40.53 0.14 23.60
C THR D 207 40.28 -1.35 23.86
N GLN D 208 39.06 -1.80 23.56
CA GLN D 208 38.66 -3.18 23.77
C GLN D 208 39.39 -4.18 22.86
N ALA D 209 39.54 -3.82 21.59
CA ALA D 209 40.19 -4.71 20.62
C ALA D 209 41.67 -4.98 20.90
N PRO D 210 42.52 -3.93 20.89
CA PRO D 210 43.96 -4.13 21.14
C PRO D 210 44.26 -4.97 22.39
N SER D 211 43.46 -4.81 23.44
CA SER D 211 43.67 -5.56 24.67
C SER D 211 43.52 -7.06 24.47
N TYR D 212 42.51 -7.47 23.71
CA TYR D 212 42.28 -8.90 23.47
C TYR D 212 43.31 -9.49 22.53
N LEU D 213 43.91 -8.65 21.69
CA LEU D 213 44.91 -9.09 20.73
C LEU D 213 46.22 -9.46 21.43
N GLN D 214 46.60 -8.67 22.42
CA GLN D 214 47.83 -8.90 23.16
C GLN D 214 47.67 -9.98 24.23
N GLN D 215 46.42 -10.31 24.57
CA GLN D 215 46.14 -11.33 25.58
C GLN D 215 45.97 -12.71 24.98
N ASN D 216 45.50 -12.76 23.74
CA ASN D 216 45.29 -14.02 23.04
C ASN D 216 46.08 -14.01 21.73
N GLY D 217 45.96 -15.07 20.94
CA GLY D 217 46.70 -15.13 19.69
C GLY D 217 46.05 -14.34 18.57
N VAL D 218 46.87 -13.87 17.63
CA VAL D 218 46.35 -13.12 16.50
C VAL D 218 45.37 -14.01 15.75
N GLN D 219 45.49 -15.32 15.96
CA GLN D 219 44.60 -16.29 15.33
C GLN D 219 43.37 -16.49 16.21
N ASN D 220 43.48 -16.07 17.46
CA ASN D 220 42.39 -16.16 18.43
C ASN D 220 41.58 -14.87 18.31
N TYR D 221 42.28 -13.80 17.91
CA TYR D 221 41.67 -12.50 17.73
C TYR D 221 40.73 -12.50 16.54
N MET D 222 41.16 -13.15 15.46
CA MET D 222 40.33 -13.23 14.26
C MET D 222 39.05 -13.98 14.60
N LYS D 223 39.15 -14.89 15.56
CA LYS D 223 37.99 -15.66 15.99
C LYS D 223 37.08 -14.71 16.76
N TYR D 224 37.69 -13.73 17.40
CA TYR D 224 36.97 -12.74 18.19
C TYR D 224 36.37 -11.62 17.32
N ALA D 225 37.23 -10.97 16.53
CA ALA D 225 36.79 -9.88 15.66
C ALA D 225 35.70 -10.33 14.70
N ASP D 226 35.46 -11.64 14.67
CA ASP D 226 34.42 -12.20 13.80
C ASP D 226 33.11 -12.32 14.58
N ALA D 227 33.16 -12.97 15.74
CA ALA D 227 31.96 -13.13 16.57
C ALA D 227 31.47 -11.74 16.96
N LYS D 228 32.38 -10.79 16.98
CA LYS D 228 32.04 -9.41 17.32
C LYS D 228 31.24 -8.79 16.19
N LEU D 229 31.82 -8.76 14.99
CA LEU D 229 31.14 -8.20 13.83
C LEU D 229 29.75 -8.83 13.67
N LYS D 230 29.59 -10.05 14.20
CA LYS D 230 28.32 -10.74 14.12
C LYS D 230 27.27 -10.18 15.08
N GLU D 231 27.64 -10.01 16.35
CA GLU D 231 26.67 -9.49 17.31
C GLU D 231 26.45 -8.00 17.14
N GLU D 232 27.51 -7.26 16.81
CA GLU D 232 27.38 -5.82 16.60
C GLU D 232 26.42 -5.53 15.47
N GLU D 233 26.35 -6.46 14.51
CA GLU D 233 25.46 -6.31 13.37
C GLU D 233 24.07 -6.82 13.69
N LYS D 234 23.97 -7.73 14.65
CA LYS D 234 22.66 -8.27 15.00
C LYS D 234 21.88 -7.28 15.85
N ARG D 235 22.54 -6.63 16.80
CA ARG D 235 21.88 -5.65 17.65
C ARG D 235 21.65 -4.34 16.89
N ALA D 236 22.63 -3.96 16.09
CA ALA D 236 22.53 -2.73 15.31
C ALA D 236 21.28 -2.79 14.43
N LEU D 237 20.71 -3.98 14.29
CA LEU D 237 19.52 -4.18 13.48
C LEU D 237 18.25 -3.90 14.28
N ARG D 238 18.29 -4.17 15.58
CA ARG D 238 17.13 -3.93 16.42
C ARG D 238 17.12 -2.51 16.99
N TYR D 239 18.31 -1.94 17.20
CA TYR D 239 18.41 -0.61 17.76
C TYR D 239 18.36 0.56 16.80
N LEU D 240 19.08 0.49 15.69
CA LEU D 240 19.09 1.58 14.72
C LEU D 240 17.92 1.47 13.75
N GLU D 241 17.66 2.54 13.00
CA GLU D 241 16.56 2.56 12.04
C GLU D 241 16.76 1.59 10.88
N THR D 242 15.72 0.81 10.63
CA THR D 242 15.73 -0.18 9.56
C THR D 242 14.45 -0.13 8.75
N ARG D 243 13.33 0.18 9.40
CA ARG D 243 12.06 0.23 8.68
C ARG D 243 12.14 1.28 7.58
N ARG D 244 12.83 2.38 7.86
CA ARG D 244 13.01 3.44 6.89
C ARG D 244 14.26 3.12 6.08
N GLU D 245 14.46 3.83 4.98
CA GLU D 245 15.64 3.60 4.15
C GLU D 245 16.72 4.65 4.43
N CYS D 246 17.76 4.21 5.11
CA CYS D 246 18.86 5.11 5.47
C CYS D 246 20.19 4.37 5.42
N ASN D 247 20.14 3.05 5.49
CA ASN D 247 21.35 2.24 5.47
C ASN D 247 22.27 2.72 6.59
N SER D 248 21.70 2.81 7.78
CA SER D 248 22.41 3.23 8.97
C SER D 248 23.22 2.02 9.43
N VAL D 249 22.57 0.86 9.43
CA VAL D 249 23.19 -0.38 9.85
C VAL D 249 24.51 -0.60 9.10
N GLU D 250 24.57 -0.11 7.86
CA GLU D 250 25.77 -0.24 7.05
C GLU D 250 26.88 0.65 7.60
N ALA D 251 26.53 1.90 7.90
CA ALA D 251 27.48 2.87 8.43
C ALA D 251 28.13 2.35 9.71
N LEU D 252 27.36 1.64 10.52
CA LEU D 252 27.87 1.07 11.77
C LEU D 252 28.86 -0.04 11.50
N MET D 253 28.56 -0.88 10.51
CA MET D 253 29.45 -1.98 10.15
C MET D 253 30.77 -1.47 9.61
N GLU D 254 30.72 -0.53 8.66
CA GLU D 254 31.94 0.05 8.11
C GLU D 254 32.79 0.51 9.26
N CYS D 255 32.13 0.94 10.34
CA CYS D 255 32.79 1.42 11.54
C CYS D 255 33.46 0.26 12.28
N CYS D 256 32.70 -0.79 12.54
CA CYS D 256 33.21 -1.97 13.23
C CYS D 256 34.34 -2.63 12.45
N VAL D 257 34.24 -2.59 11.13
CA VAL D 257 35.25 -3.18 10.25
C VAL D 257 36.54 -2.36 10.22
N ASN D 258 36.40 -1.04 10.26
CA ASN D 258 37.56 -0.15 10.25
C ASN D 258 38.20 -0.12 11.63
N ALA D 259 37.48 -0.64 12.61
CA ALA D 259 37.96 -0.67 13.98
C ALA D 259 38.48 -2.06 14.36
N LEU D 260 37.69 -3.09 14.04
CA LEU D 260 38.08 -4.46 14.35
C LEU D 260 38.94 -5.17 13.31
N VAL D 261 39.08 -4.59 12.12
CA VAL D 261 39.86 -5.23 11.07
C VAL D 261 40.84 -4.36 10.28
N THR D 262 40.35 -3.31 9.65
CA THR D 262 41.18 -2.44 8.83
C THR D 262 42.45 -1.92 9.52
N SER D 263 42.36 -1.66 10.83
CA SER D 263 43.50 -1.15 11.58
C SER D 263 44.37 -2.26 12.15
N PHE D 264 44.06 -3.50 11.78
CA PHE D 264 44.79 -4.67 12.25
C PHE D 264 45.14 -5.61 11.09
N LYS D 265 44.92 -5.13 9.86
CA LYS D 265 45.19 -5.94 8.68
C LYS D 265 46.65 -6.39 8.56
N GLU D 266 47.58 -5.45 8.66
CA GLU D 266 49.00 -5.77 8.54
C GLU D 266 49.42 -6.81 9.57
N THR D 267 48.84 -6.73 10.77
CA THR D 267 49.15 -7.67 11.84
C THR D 267 48.38 -8.97 11.63
N ILE D 268 47.41 -8.94 10.72
CA ILE D 268 46.60 -10.11 10.42
C ILE D 268 47.22 -10.84 9.22
N LEU D 269 47.46 -10.09 8.14
CA LEU D 269 48.04 -10.64 6.92
C LEU D 269 49.48 -11.13 7.11
N ALA D 270 50.06 -10.83 8.26
CA ALA D 270 51.43 -11.25 8.56
C ALA D 270 51.44 -12.75 8.84
N GLU D 271 50.27 -13.29 9.17
CA GLU D 271 50.14 -14.71 9.47
C GLU D 271 49.59 -15.45 8.26
N CYS D 272 49.49 -14.74 7.14
CA CYS D 272 48.96 -15.31 5.91
C CYS D 272 49.86 -16.38 5.29
N GLN D 273 51.11 -16.01 5.01
CA GLN D 273 52.08 -16.92 4.41
C GLN D 273 52.39 -18.13 5.29
N GLY D 274 52.25 -17.96 6.60
CA GLY D 274 52.52 -19.05 7.52
C GLY D 274 51.39 -20.06 7.57
N MET D 275 50.16 -19.58 7.61
CA MET D 275 49.00 -20.46 7.66
C MET D 275 48.83 -21.20 6.34
N ILE D 276 49.11 -20.50 5.25
CA ILE D 276 48.98 -21.07 3.92
C ILE D 276 49.96 -22.23 3.68
N LYS D 277 51.05 -22.25 4.45
CA LYS D 277 52.05 -23.31 4.33
C LYS D 277 51.63 -24.57 5.07
N ARG D 278 51.01 -24.42 6.23
CA ARG D 278 50.57 -25.57 7.00
C ARG D 278 49.19 -25.99 6.51
N ASN D 279 48.77 -25.44 5.38
CA ASN D 279 47.47 -25.74 4.82
C ASN D 279 46.43 -25.69 5.95
N GLU D 280 46.28 -24.51 6.54
CA GLU D 280 45.33 -24.31 7.62
C GLU D 280 44.08 -23.67 7.02
N THR D 281 43.44 -24.41 6.14
CA THR D 281 42.23 -23.96 5.45
C THR D 281 41.19 -23.41 6.43
N GLU D 282 41.05 -24.06 7.58
CA GLU D 282 40.09 -23.60 8.58
C GLU D 282 40.35 -22.13 8.92
N LYS D 283 41.59 -21.84 9.29
CA LYS D 283 41.98 -20.49 9.65
C LYS D 283 42.04 -19.51 8.48
N LEU D 284 42.40 -19.99 7.29
CA LEU D 284 42.47 -19.13 6.10
C LEU D 284 41.07 -18.74 5.66
N HIS D 285 40.10 -19.61 5.94
CA HIS D 285 38.71 -19.35 5.58
C HIS D 285 38.26 -18.15 6.39
N LEU D 286 38.64 -18.14 7.65
CA LEU D 286 38.30 -17.06 8.57
C LEU D 286 38.94 -15.76 8.09
N MET D 287 40.24 -15.79 7.85
CA MET D 287 40.96 -14.60 7.38
C MET D 287 40.37 -14.02 6.11
N PHE D 288 39.98 -14.89 5.19
CA PHE D 288 39.39 -14.46 3.92
C PHE D 288 38.07 -13.75 4.21
N SER D 289 37.28 -14.34 5.09
CA SER D 289 35.99 -13.78 5.47
C SER D 289 36.10 -12.32 5.91
N LEU D 290 37.16 -11.99 6.64
CA LEU D 290 37.35 -10.64 7.13
C LEU D 290 38.02 -9.71 6.12
N MET D 291 39.24 -10.06 5.72
CA MET D 291 39.98 -9.25 4.76
C MET D 291 39.19 -8.96 3.49
N ASP D 292 38.07 -9.66 3.31
CA ASP D 292 37.23 -9.47 2.14
C ASP D 292 36.34 -8.24 2.32
N LYS D 293 36.17 -7.82 3.57
CA LYS D 293 35.34 -6.66 3.90
C LYS D 293 36.12 -5.36 3.71
N VAL D 294 37.42 -5.40 3.97
CA VAL D 294 38.28 -4.23 3.83
C VAL D 294 38.71 -4.04 2.38
N PRO D 295 38.69 -2.78 1.89
CA PRO D 295 39.09 -2.51 0.50
C PRO D 295 40.58 -2.82 0.34
N ASN D 296 40.93 -3.49 -0.76
CA ASN D 296 42.32 -3.87 -1.00
C ASN D 296 42.72 -4.83 0.11
N GLY D 297 41.72 -5.49 0.68
CA GLY D 297 41.96 -6.41 1.78
C GLY D 297 42.59 -7.74 1.40
N ILE D 298 42.17 -8.31 0.28
CA ILE D 298 42.73 -9.60 -0.14
C ILE D 298 43.73 -9.50 -1.29
N GLU D 299 44.04 -8.28 -1.72
CA GLU D 299 45.01 -8.08 -2.79
C GLU D 299 46.33 -8.74 -2.40
N PRO D 300 46.71 -8.67 -1.10
CA PRO D 300 47.94 -9.28 -0.60
C PRO D 300 47.86 -10.79 -0.39
N MET D 301 46.66 -11.32 -0.17
CA MET D 301 46.51 -12.76 0.00
C MET D 301 46.63 -13.41 -1.37
N LEU D 302 46.14 -12.72 -2.40
CA LEU D 302 46.20 -13.23 -3.76
C LEU D 302 47.65 -13.33 -4.21
N LYS D 303 48.52 -12.57 -3.55
CA LYS D 303 49.94 -12.59 -3.87
C LYS D 303 50.61 -13.67 -3.02
N ASP D 304 50.36 -13.62 -1.72
CA ASP D 304 50.93 -14.60 -0.79
C ASP D 304 50.56 -16.02 -1.18
N LEU D 305 49.62 -16.16 -2.12
CA LEU D 305 49.21 -17.48 -2.58
C LEU D 305 49.95 -17.83 -3.85
N GLU D 306 49.75 -17.03 -4.89
CA GLU D 306 50.41 -17.28 -6.17
C GLU D 306 51.92 -17.19 -6.01
N GLU D 307 52.37 -16.76 -4.83
CA GLU D 307 53.79 -16.63 -4.57
C GLU D 307 54.25 -17.89 -3.84
N HIS D 308 53.32 -18.53 -3.14
CA HIS D 308 53.60 -19.76 -2.42
C HIS D 308 53.56 -20.90 -3.42
N ILE D 309 52.62 -20.80 -4.36
CA ILE D 309 52.49 -21.83 -5.40
C ILE D 309 53.80 -21.88 -6.18
N ILE D 310 54.15 -20.78 -6.82
CA ILE D 310 55.38 -20.71 -7.60
C ILE D 310 56.55 -21.23 -6.77
N SER D 311 56.62 -20.80 -5.52
CA SER D 311 57.69 -21.22 -4.61
C SER D 311 57.67 -22.71 -4.29
N ALA D 312 56.57 -23.17 -3.72
CA ALA D 312 56.41 -24.57 -3.34
C ALA D 312 56.33 -25.52 -4.54
N GLY D 313 55.83 -25.01 -5.66
CA GLY D 313 55.70 -25.82 -6.86
C GLY D 313 57.03 -26.25 -7.43
N LEU D 314 57.91 -25.29 -7.66
CA LEU D 314 59.23 -25.59 -8.21
C LEU D 314 60.11 -26.27 -7.17
N ALA D 315 59.61 -26.34 -5.95
CA ALA D 315 60.33 -26.98 -4.86
C ALA D 315 60.00 -28.46 -4.86
N ASP D 316 58.82 -28.79 -5.39
CA ASP D 316 58.34 -30.17 -5.48
C ASP D 316 59.00 -30.86 -6.67
N MET D 317 59.16 -30.10 -7.76
CA MET D 317 59.78 -30.61 -8.98
C MET D 317 61.25 -30.90 -8.75
N VAL D 318 62.03 -29.85 -8.50
CA VAL D 318 63.46 -29.98 -8.28
C VAL D 318 63.82 -31.05 -7.25
N ALA D 319 63.01 -31.14 -6.20
CA ALA D 319 63.25 -32.13 -5.15
C ALA D 319 62.95 -33.56 -5.57
N ALA D 320 62.14 -33.72 -6.61
CA ALA D 320 61.79 -35.06 -7.08
C ALA D 320 62.38 -35.37 -8.46
N ALA D 321 63.16 -34.42 -8.98
CA ALA D 321 63.79 -34.57 -10.29
C ALA D 321 64.42 -35.95 -10.52
N GLU D 322 64.92 -36.56 -9.44
CA GLU D 322 65.57 -37.86 -9.50
C GLU D 322 64.79 -38.86 -10.36
N THR D 323 63.46 -38.78 -10.32
CA THR D 323 62.61 -39.69 -11.08
C THR D 323 61.93 -39.00 -12.25
N ILE D 324 61.48 -37.77 -12.03
CA ILE D 324 60.80 -36.98 -13.03
C ILE D 324 61.55 -36.83 -14.36
N THR D 325 62.87 -36.78 -14.29
CA THR D 325 63.68 -36.61 -15.49
C THR D 325 63.71 -37.84 -16.40
N THR D 326 63.55 -39.02 -15.81
CA THR D 326 63.59 -40.26 -16.57
C THR D 326 62.33 -40.51 -17.41
N ASP D 327 61.18 -40.06 -16.91
CA ASP D 327 59.91 -40.28 -17.60
C ASP D 327 59.09 -39.00 -17.80
N SER D 328 58.53 -38.86 -18.99
CA SER D 328 57.69 -37.72 -19.34
C SER D 328 56.34 -37.80 -18.62
N GLU D 329 55.97 -38.99 -18.19
CA GLU D 329 54.71 -39.20 -17.50
C GLU D 329 54.84 -39.07 -15.99
N LYS D 330 56.04 -39.27 -15.46
CA LYS D 330 56.27 -39.12 -14.03
C LYS D 330 56.43 -37.62 -13.78
N TYR D 331 56.64 -36.90 -14.89
CA TYR D 331 56.79 -35.46 -14.88
C TYR D 331 55.39 -34.88 -14.75
N ARG D 332 54.53 -35.24 -15.70
CA ARG D 332 53.16 -34.75 -15.69
C ARG D 332 52.46 -35.09 -14.39
N GLU D 333 52.63 -36.33 -13.92
CA GLU D 333 52.00 -36.77 -12.66
C GLU D 333 52.33 -35.82 -11.51
N GLN D 334 53.57 -35.35 -11.48
CA GLN D 334 54.01 -34.44 -10.43
C GLN D 334 53.26 -33.12 -10.51
N LEU D 335 53.15 -32.57 -11.72
CA LEU D 335 52.43 -31.31 -11.91
C LEU D 335 50.96 -31.50 -11.58
N ASP D 336 50.43 -32.67 -11.91
CA ASP D 336 49.04 -33.01 -11.64
C ASP D 336 48.81 -33.15 -10.14
N THR D 337 49.72 -33.85 -9.47
CA THR D 337 49.60 -34.03 -8.04
C THR D 337 49.53 -32.67 -7.36
N LEU D 338 50.30 -31.72 -7.89
CA LEU D 338 50.34 -30.36 -7.35
C LEU D 338 49.06 -29.58 -7.64
N PHE D 339 48.74 -29.45 -8.92
CA PHE D 339 47.54 -28.72 -9.31
C PHE D 339 46.33 -29.19 -8.50
N ASN D 340 46.24 -30.50 -8.30
CA ASN D 340 45.15 -31.07 -7.52
C ASN D 340 45.29 -30.68 -6.06
N ARG D 341 46.54 -30.53 -5.61
CA ARG D 341 46.83 -30.16 -4.23
C ARG D 341 46.53 -28.69 -3.93
N PHE D 342 46.83 -27.82 -4.89
CA PHE D 342 46.57 -26.40 -4.71
C PHE D 342 45.09 -26.09 -4.91
N SER D 343 44.50 -26.65 -5.95
CA SER D 343 43.08 -26.44 -6.21
C SER D 343 42.32 -26.97 -5.00
N LYS D 344 42.96 -27.89 -4.27
CA LYS D 344 42.37 -28.46 -3.08
C LYS D 344 42.29 -27.35 -2.05
N LEU D 345 43.43 -26.68 -1.84
CA LEU D 345 43.50 -25.57 -0.89
C LEU D 345 42.49 -24.50 -1.25
N VAL D 346 42.64 -23.95 -2.45
CA VAL D 346 41.74 -22.91 -2.93
C VAL D 346 40.27 -23.21 -2.61
N LYS D 347 39.81 -24.41 -2.93
CA LYS D 347 38.41 -24.74 -2.65
C LYS D 347 38.14 -24.70 -1.14
N GLU D 348 38.84 -25.54 -0.39
CA GLU D 348 38.68 -25.63 1.06
C GLU D 348 38.76 -24.30 1.81
N ALA D 349 39.87 -23.60 1.67
CA ALA D 349 40.09 -22.33 2.36
C ALA D 349 39.41 -21.11 1.78
N PHE D 350 39.79 -20.75 0.55
CA PHE D 350 39.26 -19.58 -0.12
C PHE D 350 37.96 -19.75 -0.90
N GLN D 351 37.19 -20.78 -0.55
CA GLN D 351 35.90 -21.06 -1.18
C GLN D 351 35.81 -20.87 -2.69
N ASP D 352 36.88 -21.18 -3.42
CA ASP D 352 36.88 -21.03 -4.88
C ASP D 352 36.48 -19.63 -5.38
N ASP D 353 36.82 -18.59 -4.63
CA ASP D 353 36.48 -17.24 -5.07
C ASP D 353 37.15 -17.06 -6.43
N PRO D 354 36.37 -16.64 -7.44
CA PRO D 354 36.88 -16.43 -8.80
C PRO D 354 38.20 -15.68 -8.85
N ARG D 355 38.43 -14.83 -7.85
CA ARG D 355 39.65 -14.04 -7.79
C ARG D 355 40.84 -14.89 -7.34
N PHE D 356 40.57 -15.89 -6.51
CA PHE D 356 41.61 -16.78 -6.02
C PHE D 356 41.92 -17.88 -7.02
N LEU D 357 40.98 -18.16 -7.91
CA LEU D 357 41.20 -19.18 -8.93
C LEU D 357 42.13 -18.54 -9.95
N THR D 358 41.84 -17.29 -10.30
CA THR D 358 42.66 -16.55 -11.24
C THR D 358 44.07 -16.51 -10.67
N ALA D 359 44.15 -16.45 -9.35
CA ALA D 359 45.42 -16.41 -8.64
C ALA D 359 46.21 -17.68 -8.95
N ARG D 360 45.55 -18.83 -8.73
CA ARG D 360 46.17 -20.13 -8.99
C ARG D 360 46.52 -20.29 -10.47
N ASP D 361 45.51 -20.20 -11.32
CA ASP D 361 45.68 -20.34 -12.76
C ASP D 361 46.86 -19.56 -13.33
N LYS D 362 47.24 -18.46 -12.68
CA LYS D 362 48.35 -17.64 -13.14
C LYS D 362 49.65 -18.11 -12.50
N ALA D 363 49.57 -18.54 -11.25
CA ALA D 363 50.73 -19.01 -10.51
C ALA D 363 51.14 -20.37 -11.03
N TYR D 364 50.18 -21.27 -11.12
CA TYR D 364 50.44 -22.62 -11.62
C TYR D 364 50.97 -22.53 -13.04
N LYS D 365 50.25 -21.81 -13.90
CA LYS D 365 50.65 -21.64 -15.28
C LYS D 365 52.09 -21.12 -15.34
N ALA D 366 52.57 -20.60 -14.22
CA ALA D 366 53.93 -20.10 -14.15
C ALA D 366 54.89 -21.24 -13.84
N VAL D 367 54.52 -22.09 -12.88
CA VAL D 367 55.35 -23.24 -12.50
C VAL D 367 55.63 -24.10 -13.72
N VAL D 368 54.60 -24.32 -14.52
CA VAL D 368 54.71 -25.13 -15.72
C VAL D 368 55.87 -24.68 -16.62
N ASN D 369 56.03 -23.37 -16.78
CA ASN D 369 57.10 -22.84 -17.62
C ASN D 369 58.44 -22.67 -16.93
N ASP D 370 58.53 -23.12 -15.67
CA ASP D 370 59.77 -23.00 -14.92
C ASP D 370 60.33 -24.34 -14.48
N ALA D 371 59.58 -25.41 -14.72
CA ALA D 371 60.02 -26.76 -14.35
C ALA D 371 60.66 -27.45 -15.56
N THR D 372 60.48 -26.83 -16.73
CA THR D 372 61.02 -27.34 -17.99
C THR D 372 62.43 -27.91 -17.83
N ILE D 373 62.56 -29.22 -18.01
CA ILE D 373 63.85 -29.90 -17.87
C ILE D 373 64.60 -30.08 -19.18
N PHE D 374 63.94 -30.63 -20.18
CA PHE D 374 64.58 -30.87 -21.48
C PHE D 374 64.46 -29.71 -22.45
N LYS D 375 65.34 -29.70 -23.44
CA LYS D 375 65.37 -28.62 -24.42
C LYS D 375 66.36 -28.90 -25.56
N LEU D 376 65.85 -28.96 -26.79
CA LEU D 376 66.70 -29.20 -27.95
C LEU D 376 66.51 -28.07 -28.95
N GLU D 377 67.48 -27.89 -29.85
CA GLU D 377 67.44 -26.83 -30.84
C GLU D 377 68.37 -27.05 -32.04
N VAL D 378 68.06 -26.40 -33.16
CA VAL D 378 68.87 -26.51 -34.36
C VAL D 378 70.06 -25.56 -34.30
#